data_5DCU
#
_entry.id   5DCU
#
_cell.length_a   92.030
_cell.length_b   96.110
_cell.length_c   172.630
_cell.angle_alpha   90.000
_cell.angle_beta   90.000
_cell.angle_gamma   90.000
#
_symmetry.space_group_name_H-M   'C 2 2 21'
#
loop_
_entity.id
_entity.type
_entity.pdbx_description
1 polymer 'Iridoid synthase'
2 non-polymer 'NADP NICOTINAMIDE-ADENINE-DINUCLEOTIDE PHOSPHATE'
3 non-polymer 1,2-ETHANEDIOL
4 non-polymer '[2-(2-hydroxyethoxy)ethoxy]acetic acid'
5 water water
#
_entity_poly.entity_id   1
_entity_poly.type   'polypeptide(L)'
_entity_poly.pdbx_seq_one_letter_code
;GPGVCKSYKSVALVVGVTGIVGSSLAEVLKLPDTPGGPWKVYGVARRPCPVWLAKKPVEYIQCDVSNNQETISKLSPLKD
ITHIFYVSWIGSEDCQTNATMFKNILNSVIPNASNLQHVCLQTGIKHYFGIFEEGSKVVPHDSPFTEDLPRLNVPNFYHD
LEDILYEETGKNNLTWSVHRPALVFGFSPCSMMNIVSTLCVYATICKHENKALVYPGSKNSWNCYADAVDADLVAEHEIW
AAVDPKAKNQVLNCNNGDVFKWKHIWKKLAEEFGIEMVGYVEGKEQVSLAELMKDKDQVWDEIVKKNNLVPTKLKEIAAF
WFADIAFCSENLISSMNKSKELGFLGFRNSMKSFVSCIDKMRDYRFIPKAF
;
_entity_poly.pdbx_strand_id   A,B
#
loop_
_chem_comp.id
_chem_comp.type
_chem_comp.name
_chem_comp.formula
EDO non-polymer 1,2-ETHANEDIOL 'C2 H6 O2'
NAP non-polymer 'NADP NICOTINAMIDE-ADENINE-DINUCLEOTIDE PHOSPHATE' 'C21 H28 N7 O17 P3'
TEG non-polymer '[2-(2-hydroxyethoxy)ethoxy]acetic acid' 'C6 H12 O5'
#
# COMPACT_ATOMS: atom_id res chain seq x y z
N GLY A 3 -25.65 -2.41 1.13
CA GLY A 3 -25.04 -3.41 2.06
C GLY A 3 -24.63 -2.85 3.41
N VAL A 4 -23.90 -3.67 4.17
CA VAL A 4 -23.58 -3.37 5.58
C VAL A 4 -22.42 -2.41 5.75
N CYS A 5 -22.43 -1.71 6.89
CA CYS A 5 -21.31 -0.85 7.27
CA CYS A 5 -21.33 -0.86 7.29
C CYS A 5 -20.08 -1.73 7.43
N LYS A 6 -18.94 -1.24 6.94
CA LYS A 6 -17.67 -1.96 7.04
C LYS A 6 -17.15 -2.00 8.47
N SER A 7 -16.41 -3.06 8.79
CA SER A 7 -15.87 -3.30 10.12
C SER A 7 -14.39 -2.99 10.11
N TYR A 8 -13.95 -2.27 11.11
CA TYR A 8 -12.55 -1.97 11.24
C TYR A 8 -12.12 -2.30 12.64
N LYS A 9 -10.87 -2.71 12.76
CA LYS A 9 -10.31 -2.91 14.06
C LYS A 9 -9.93 -1.57 14.71
N SER A 10 -9.37 -0.66 13.93
CA SER A 10 -8.87 0.61 14.44
C SER A 10 -9.26 1.72 13.45
N VAL A 11 -9.44 2.93 13.99
CA VAL A 11 -9.83 4.09 13.18
C VAL A 11 -8.89 5.22 13.49
N ALA A 12 -8.11 5.63 12.49
CA ALA A 12 -7.11 6.68 12.62
C ALA A 12 -7.65 8.03 12.22
N LEU A 13 -7.31 9.03 13.00
CA LEU A 13 -7.39 10.43 12.56
C LEU A 13 -5.96 10.92 12.31
N VAL A 14 -5.64 11.15 11.05
CA VAL A 14 -4.32 11.65 10.67
C VAL A 14 -4.44 13.13 10.42
N VAL A 15 -3.88 13.92 11.33
CA VAL A 15 -3.97 15.38 11.24
C VAL A 15 -2.72 15.87 10.58
N GLY A 16 -2.87 16.33 9.34
CA GLY A 16 -1.73 16.67 8.45
C GLY A 16 -1.50 15.60 7.40
N VAL A 17 -2.58 15.13 6.78
CA VAL A 17 -2.52 13.96 5.90
C VAL A 17 -1.76 14.22 4.58
N THR A 18 -1.63 15.49 4.18
CA THR A 18 -0.85 15.85 3.00
C THR A 18 0.63 16.11 3.31
N GLY A 19 0.98 16.01 4.57
CA GLY A 19 2.35 16.29 5.03
C GLY A 19 3.30 15.16 4.72
N ILE A 20 4.57 15.40 5.00
CA ILE A 20 5.62 14.41 4.67
C ILE A 20 5.45 13.11 5.41
N VAL A 21 4.96 13.12 6.65
CA VAL A 21 4.66 11.89 7.38
C VAL A 21 3.20 11.50 7.21
N GLY A 22 2.28 12.47 7.25
CA GLY A 22 0.87 12.11 7.10
C GLY A 22 0.58 11.37 5.80
N SER A 23 1.23 11.75 4.71
CA SER A 23 1.03 11.10 3.41
C SER A 23 1.52 9.64 3.43
N SER A 24 2.59 9.37 4.17
CA SER A 24 3.05 8.02 4.35
CA SER A 24 3.08 8.01 4.37
C SER A 24 2.12 7.21 5.27
N LEU A 25 1.61 7.81 6.33
CA LEU A 25 0.56 7.14 7.14
C LEU A 25 -0.65 6.76 6.30
N ALA A 26 -1.04 7.64 5.37
CA ALA A 26 -2.16 7.34 4.47
C ALA A 26 -1.94 6.07 3.65
N GLU A 27 -0.69 5.72 3.37
CA GLU A 27 -0.35 4.52 2.69
C GLU A 27 -0.16 3.36 3.66
N VAL A 28 0.66 3.53 4.69
CA VAL A 28 1.06 2.41 5.56
C VAL A 28 -0.15 1.89 6.32
N LEU A 29 -1.04 2.78 6.78
CA LEU A 29 -2.22 2.36 7.57
C LEU A 29 -3.13 1.43 6.77
N LYS A 30 -3.12 1.51 5.45
CA LYS A 30 -4.02 0.71 4.63
C LYS A 30 -3.38 -0.55 4.11
N LEU A 31 -2.12 -0.87 4.45
CA LEU A 31 -1.48 -2.14 4.06
C LEU A 31 -2.05 -3.33 4.86
N PRO A 32 -2.11 -4.49 4.24
CA PRO A 32 -2.81 -5.61 4.89
C PRO A 32 -2.17 -6.09 6.19
N ASP A 33 -0.85 -6.02 6.32
CA ASP A 33 -0.19 -6.58 7.50
C ASP A 33 0.16 -5.53 8.55
N THR A 34 -0.31 -4.30 8.37
CA THR A 34 0.00 -3.27 9.35
C THR A 34 -0.65 -3.57 10.73
N PRO A 35 0.16 -3.47 11.80
CA PRO A 35 -0.40 -3.69 13.12
C PRO A 35 -1.62 -2.83 13.41
N GLY A 36 -2.61 -3.42 14.07
CA GLY A 36 -3.84 -2.74 14.42
C GLY A 36 -4.89 -2.74 13.31
N GLY A 37 -4.55 -3.29 12.14
CA GLY A 37 -5.47 -3.33 11.02
C GLY A 37 -6.56 -4.39 11.13
N PRO A 38 -7.64 -4.28 10.32
CA PRO A 38 -7.78 -3.22 9.32
C PRO A 38 -8.11 -1.85 9.88
N TRP A 39 -7.47 -0.84 9.29
CA TRP A 39 -7.64 0.55 9.67
C TRP A 39 -8.58 1.29 8.72
N LYS A 40 -9.47 2.09 9.31
CA LYS A 40 -10.13 3.20 8.60
C LYS A 40 -9.31 4.46 8.82
N VAL A 41 -9.13 5.28 7.78
CA VAL A 41 -8.33 6.48 7.90
C VAL A 41 -9.12 7.74 7.52
N TYR A 42 -9.29 8.63 8.50
CA TYR A 42 -9.70 10.00 8.25
C TYR A 42 -8.44 10.85 8.12
N GLY A 43 -8.32 11.60 7.03
CA GLY A 43 -7.15 12.47 6.83
C GLY A 43 -7.57 13.91 6.80
N VAL A 44 -6.95 14.74 7.67
CA VAL A 44 -7.31 16.15 7.80
C VAL A 44 -6.16 17.00 7.23
N ALA A 45 -6.53 18.00 6.43
CA ALA A 45 -5.60 19.08 6.08
C ALA A 45 -6.44 20.32 5.68
N ARG A 46 -5.79 21.45 5.47
CA ARG A 46 -6.51 22.73 5.25
C ARG A 46 -6.89 22.95 3.80
N ARG A 47 -6.01 22.56 2.88
CA ARG A 47 -6.24 22.72 1.44
C ARG A 47 -7.30 21.75 0.92
N PRO A 48 -7.89 22.03 -0.24
CA PRO A 48 -8.74 21.01 -0.89
C PRO A 48 -7.92 19.76 -1.18
N CYS A 49 -8.55 18.59 -1.13
CA CYS A 49 -7.82 17.32 -1.37
C CYS A 49 -7.12 17.35 -2.71
N PRO A 50 -5.79 17.12 -2.74
CA PRO A 50 -5.11 16.99 -4.03
C PRO A 50 -5.54 15.72 -4.76
N VAL A 51 -5.46 15.74 -6.08
CA VAL A 51 -5.85 14.57 -6.90
C VAL A 51 -5.06 13.34 -6.47
N TRP A 52 -3.79 13.51 -6.19
CA TRP A 52 -2.98 12.35 -5.81
C TRP A 52 -3.49 11.66 -4.57
N LEU A 53 -4.03 12.43 -3.62
CA LEU A 53 -4.56 11.84 -2.43
C LEU A 53 -5.99 11.30 -2.59
N ALA A 54 -6.75 11.88 -3.48
CA ALA A 54 -8.08 11.39 -3.79
C ALA A 54 -8.06 9.99 -4.40
N LYS A 55 -6.90 9.57 -4.90
CA LYS A 55 -6.78 8.19 -5.44
C LYS A 55 -6.33 7.19 -4.39
N LYS A 56 -6.49 7.54 -3.12
CA LYS A 56 -6.18 6.67 -1.99
C LYS A 56 -7.44 6.43 -1.16
N PRO A 57 -7.52 5.29 -0.48
CA PRO A 57 -8.74 4.93 0.30
C PRO A 57 -8.72 5.57 1.69
N VAL A 58 -8.70 6.89 1.67
CA VAL A 58 -8.63 7.77 2.84
C VAL A 58 -9.83 8.71 2.75
N GLU A 59 -10.53 8.89 3.87
CA GLU A 59 -11.65 9.84 3.92
CA GLU A 59 -11.65 9.83 3.93
C GLU A 59 -11.08 11.20 4.28
N TYR A 60 -11.04 12.09 3.29
CA TYR A 60 -10.44 13.42 3.46
C TYR A 60 -11.43 14.39 4.09
N ILE A 61 -10.92 15.12 5.07
CA ILE A 61 -11.67 16.17 5.74
C ILE A 61 -10.89 17.46 5.61
N GLN A 62 -11.43 18.39 4.84
CA GLN A 62 -10.82 19.70 4.68
C GLN A 62 -11.24 20.52 5.88
N CYS A 63 -10.26 20.97 6.66
CA CYS A 63 -10.55 21.69 7.90
C CYS A 63 -9.35 22.56 8.26
N ASP A 64 -9.59 23.85 8.56
CA ASP A 64 -8.55 24.69 9.17
C ASP A 64 -8.56 24.43 10.67
N VAL A 65 -7.60 23.63 11.14
CA VAL A 65 -7.61 23.19 12.54
C VAL A 65 -7.19 24.30 13.50
N SER A 66 -6.78 25.44 12.98
CA SER A 66 -6.56 26.61 13.82
C SER A 66 -7.84 27.30 14.20
N ASN A 67 -8.98 26.89 13.61
CA ASN A 67 -10.29 27.50 13.91
C ASN A 67 -11.10 26.55 14.75
N ASN A 68 -11.32 26.92 16.02
CA ASN A 68 -11.99 26.02 16.96
C ASN A 68 -13.41 25.64 16.54
N GLN A 69 -14.23 26.61 16.18
N GLN A 69 -14.23 26.62 16.19
CA GLN A 69 -15.61 26.32 15.80
CA GLN A 69 -15.64 26.34 15.81
C GLN A 69 -15.69 25.40 14.58
C GLN A 69 -15.71 25.42 14.58
N GLU A 70 -14.84 25.67 13.60
CA GLU A 70 -14.81 24.85 12.40
C GLU A 70 -14.38 23.43 12.73
N THR A 71 -13.37 23.29 13.56
CA THR A 71 -12.87 21.99 13.90
C THR A 71 -13.88 21.17 14.69
N ILE A 72 -14.56 21.79 15.64
CA ILE A 72 -15.65 21.13 16.32
C ILE A 72 -16.70 20.65 15.33
N SER A 73 -17.09 21.51 14.40
N SER A 73 -17.09 21.52 14.39
CA SER A 73 -18.12 21.17 13.43
CA SER A 73 -18.13 21.17 13.42
C SER A 73 -17.74 19.96 12.57
C SER A 73 -17.74 19.96 12.57
N LYS A 74 -16.47 19.90 12.18
CA LYS A 74 -16.00 18.86 11.25
C LYS A 74 -15.56 17.57 11.90
N LEU A 75 -15.03 17.62 13.12
CA LEU A 75 -14.53 16.41 13.76
C LEU A 75 -15.42 15.82 14.84
N SER A 76 -16.27 16.61 15.46
CA SER A 76 -17.17 16.06 16.47
C SER A 76 -18.10 14.95 15.98
N PRO A 77 -18.45 14.90 14.67
CA PRO A 77 -19.27 13.75 14.23
C PRO A 77 -18.55 12.43 14.13
N LEU A 78 -17.23 12.43 14.27
CA LEU A 78 -16.43 11.23 13.98
C LEU A 78 -16.31 10.41 15.27
N LYS A 79 -17.36 9.68 15.59
CA LYS A 79 -17.52 9.02 16.90
C LYS A 79 -16.67 7.77 17.03
N ASP A 80 -16.15 7.26 15.90
CA ASP A 80 -15.48 5.96 15.86
C ASP A 80 -13.95 6.01 15.98
N ILE A 81 -13.35 7.19 16.11
CA ILE A 81 -11.89 7.30 16.18
C ILE A 81 -11.32 6.56 17.36
N THR A 82 -10.26 5.79 17.11
CA THR A 82 -9.55 5.07 18.18
C THR A 82 -8.17 5.63 18.44
N HIS A 83 -7.53 6.22 17.43
CA HIS A 83 -6.14 6.69 17.53
C HIS A 83 -5.98 7.99 16.77
N ILE A 84 -5.34 8.97 17.41
CA ILE A 84 -5.01 10.24 16.78
C ILE A 84 -3.54 10.27 16.45
N PHE A 85 -3.19 10.65 15.22
CA PHE A 85 -1.79 10.88 14.78
C PHE A 85 -1.66 12.36 14.45
N TYR A 86 -1.07 13.14 15.35
CA TYR A 86 -0.88 14.58 15.11
C TYR A 86 0.47 14.83 14.44
N VAL A 87 0.41 15.04 13.13
CA VAL A 87 1.58 15.16 12.28
C VAL A 87 1.54 16.46 11.48
N SER A 88 1.27 17.53 12.21
CA SER A 88 1.07 18.83 11.59
CA SER A 88 1.05 18.85 11.60
C SER A 88 1.82 19.94 12.35
N TRP A 89 1.98 21.07 11.68
CA TRP A 89 2.42 22.32 12.33
C TRP A 89 1.95 23.45 11.42
N ILE A 90 1.93 24.66 11.92
CA ILE A 90 1.34 25.78 11.17
CA ILE A 90 1.34 25.77 11.16
C ILE A 90 2.25 26.33 10.07
N GLY A 91 3.57 26.04 10.14
CA GLY A 91 4.53 26.58 9.17
C GLY A 91 5.35 27.75 9.66
N SER A 92 5.12 28.10 10.92
CA SER A 92 5.99 29.04 11.64
C SER A 92 6.23 28.46 13.02
N GLU A 93 7.14 29.09 13.74
CA GLU A 93 7.49 28.65 15.09
C GLU A 93 6.63 29.26 16.18
N ASP A 94 5.56 29.97 15.79
CA ASP A 94 4.65 30.62 16.73
C ASP A 94 4.09 29.58 17.72
N CYS A 95 4.37 29.78 19.01
CA CYS A 95 3.99 28.75 19.99
C CYS A 95 2.49 28.70 20.18
N GLN A 96 1.83 29.85 20.20
N GLN A 96 1.83 29.85 20.24
CA GLN A 96 0.39 29.90 20.43
CA GLN A 96 0.40 29.83 20.54
C GLN A 96 -0.42 29.33 19.26
C GLN A 96 -0.43 29.29 19.40
N THR A 97 -0.08 29.67 18.02
N THR A 97 -0.08 29.67 18.17
CA THR A 97 -0.88 29.12 16.92
CA THR A 97 -0.87 29.21 17.00
C THR A 97 -0.72 27.65 16.79
C THR A 97 -0.71 27.68 16.79
N ASN A 98 0.50 27.16 16.99
CA ASN A 98 0.67 25.72 16.98
C ASN A 98 -0.09 24.99 18.10
N ALA A 99 -0.05 25.56 19.27
CA ALA A 99 -0.75 24.97 20.44
C ALA A 99 -2.25 24.94 20.23
N THR A 100 -2.78 26.02 19.65
CA THR A 100 -4.21 26.09 19.35
C THR A 100 -4.63 24.98 18.40
N MET A 101 -3.87 24.71 17.37
CA MET A 101 -4.23 23.63 16.43
C MET A 101 -4.39 22.30 17.16
N PHE A 102 -3.41 21.96 17.99
CA PHE A 102 -3.46 20.67 18.67
C PHE A 102 -4.57 20.59 19.72
N LYS A 103 -4.72 21.65 20.51
N LYS A 103 -4.71 21.65 20.52
CA LYS A 103 -5.83 21.73 21.47
CA LYS A 103 -5.80 21.71 21.47
C LYS A 103 -7.17 21.58 20.75
C LYS A 103 -7.17 21.60 20.77
N ASN A 104 -7.33 22.20 19.58
CA ASN A 104 -8.60 22.09 18.87
C ASN A 104 -8.92 20.65 18.45
N ILE A 105 -7.92 19.90 18.02
CA ILE A 105 -8.10 18.47 17.70
C ILE A 105 -8.58 17.74 18.95
N LEU A 106 -7.91 17.92 20.06
CA LEU A 106 -8.25 17.16 21.26
C LEU A 106 -9.60 17.54 21.83
N ASN A 107 -9.93 18.83 21.82
CA ASN A 107 -11.20 19.26 22.35
C ASN A 107 -12.36 18.85 21.50
N SER A 108 -12.15 18.63 20.21
CA SER A 108 -13.22 18.18 19.32
CA SER A 108 -13.21 18.17 19.33
C SER A 108 -13.42 16.66 19.36
N VAL A 109 -12.35 15.90 19.58
CA VAL A 109 -12.40 14.44 19.49
C VAL A 109 -12.64 13.77 20.85
N ILE A 110 -11.92 14.21 21.88
CA ILE A 110 -12.00 13.51 23.15
C ILE A 110 -13.41 13.40 23.70
N PRO A 111 -14.23 14.48 23.65
CA PRO A 111 -15.59 14.31 24.13
C PRO A 111 -16.55 13.47 23.27
N ASN A 112 -16.17 13.18 22.03
CA ASN A 112 -17.05 12.52 21.06
C ASN A 112 -16.67 11.10 20.64
N ALA A 113 -15.40 10.74 20.80
CA ALA A 113 -14.93 9.42 20.38
C ALA A 113 -14.82 8.50 21.60
N SER A 114 -15.89 7.75 21.88
CA SER A 114 -15.97 6.97 23.14
C SER A 114 -14.93 5.84 23.22
N ASN A 115 -14.46 5.36 22.07
CA ASN A 115 -13.46 4.30 22.03
CA ASN A 115 -13.47 4.30 22.05
C ASN A 115 -12.05 4.81 21.77
N LEU A 116 -11.80 6.09 21.97
CA LEU A 116 -10.48 6.65 21.81
C LEU A 116 -9.49 6.01 22.78
N GLN A 117 -8.34 5.59 22.26
N GLN A 117 -8.34 5.59 22.26
CA GLN A 117 -7.31 4.90 23.04
CA GLN A 117 -7.30 4.92 23.07
C GLN A 117 -6.04 5.72 23.27
C GLN A 117 -6.04 5.73 23.27
N HIS A 118 -5.56 6.39 22.23
CA HIS A 118 -4.19 6.87 22.18
C HIS A 118 -4.03 8.11 21.35
N VAL A 119 -3.12 8.99 21.77
CA VAL A 119 -2.70 10.15 20.99
C VAL A 119 -1.22 10.07 20.73
N CYS A 120 -0.85 10.03 19.45
CA CYS A 120 0.55 10.14 18.96
CA CYS A 120 0.51 10.15 19.00
C CYS A 120 0.81 11.61 18.61
N LEU A 121 1.81 12.22 19.22
CA LEU A 121 2.27 13.58 18.90
C LEU A 121 3.61 13.50 18.22
N GLN A 122 3.74 14.07 17.03
CA GLN A 122 5.01 14.17 16.34
C GLN A 122 5.63 15.52 16.55
N THR A 123 6.82 15.54 17.16
CA THR A 123 7.68 16.74 17.23
C THR A 123 8.95 16.46 16.45
N GLY A 124 10.13 16.49 17.07
CA GLY A 124 11.36 16.37 16.30
C GLY A 124 12.59 16.58 17.13
N ILE A 125 13.74 16.42 16.47
CA ILE A 125 15.02 16.58 17.14
C ILE A 125 15.35 18.00 17.51
N LYS A 126 14.65 19.03 16.97
CA LYS A 126 14.85 20.40 17.44
C LYS A 126 14.62 20.53 18.97
N HIS A 127 13.89 19.57 19.55
CA HIS A 127 13.83 19.52 21.01
C HIS A 127 15.21 19.60 21.69
N TYR A 128 16.23 19.05 21.04
CA TYR A 128 17.54 18.89 21.66
C TYR A 128 18.52 20.03 21.40
N PHE A 129 18.27 20.80 20.35
CA PHE A 129 19.21 21.84 19.96
C PHE A 129 18.67 23.24 19.74
N GLY A 130 17.36 23.43 19.67
N GLY A 130 17.37 23.38 19.48
CA GLY A 130 16.81 24.79 19.71
CA GLY A 130 16.82 24.64 19.01
C GLY A 130 15.97 25.06 18.50
C GLY A 130 16.90 25.71 20.07
N ILE A 131 15.72 26.32 18.20
N ILE A 131 17.33 26.88 19.62
CA ILE A 131 14.77 26.64 17.15
CA ILE A 131 17.42 28.10 20.43
C ILE A 131 15.46 27.37 16.00
C ILE A 131 16.86 29.25 19.61
N PHE A 132 14.72 27.55 14.92
CA PHE A 132 15.28 28.13 13.70
C PHE A 132 15.33 29.66 13.76
N GLU A 133 14.45 30.29 14.54
CA GLU A 133 14.38 31.76 14.58
C GLU A 133 15.77 32.40 14.65
N VAL A 139 22.67 27.37 24.54
CA VAL A 139 23.60 26.30 24.13
C VAL A 139 22.90 24.94 23.91
N PRO A 140 22.99 24.35 22.69
CA PRO A 140 22.34 23.06 22.46
C PRO A 140 22.99 21.91 23.28
N HIS A 141 22.23 20.83 23.46
CA HIS A 141 22.80 19.62 24.04
C HIS A 141 23.86 19.04 23.12
N ASP A 142 24.84 18.34 23.69
CA ASP A 142 25.74 17.50 22.91
C ASP A 142 24.92 16.22 22.54
N SER A 143 25.42 15.58 21.51
CA SER A 143 24.82 14.39 20.93
CA SER A 143 24.84 14.40 20.89
C SER A 143 25.78 13.18 21.21
N PRO A 144 25.33 11.93 20.98
CA PRO A 144 24.01 11.50 20.46
C PRO A 144 22.86 11.86 21.36
N PHE A 145 21.79 12.39 20.78
CA PHE A 145 20.68 12.81 21.58
C PHE A 145 19.85 11.64 22.09
N THR A 146 19.56 11.66 23.38
CA THR A 146 18.74 10.64 24.05
C THR A 146 17.54 11.30 24.70
N GLU A 147 16.48 10.50 24.89
CA GLU A 147 15.20 10.98 25.38
C GLU A 147 15.17 11.36 26.84
N ASP A 148 16.23 11.13 27.56
CA ASP A 148 16.33 11.64 28.94
C ASP A 148 16.85 13.09 29.04
N LEU A 149 17.18 13.75 27.90
CA LEU A 149 17.76 15.12 27.96
C LEU A 149 16.67 16.13 28.29
N PRO A 150 16.96 17.07 29.20
CA PRO A 150 15.95 18.04 29.61
C PRO A 150 15.68 19.09 28.56
N ARG A 151 14.52 19.72 28.66
CA ARG A 151 14.19 20.87 27.81
C ARG A 151 15.23 21.98 27.90
N LEU A 152 15.50 22.60 26.77
CA LEU A 152 16.31 23.82 26.73
C LEU A 152 15.44 25.00 27.16
N ASN A 153 16.07 26.03 27.71
CA ASN A 153 15.35 27.23 28.15
C ASN A 153 15.14 28.20 26.99
N VAL A 154 14.24 27.84 26.09
CA VAL A 154 13.97 28.56 24.86
C VAL A 154 12.48 28.36 24.52
N PRO A 155 11.84 29.26 23.74
N PRO A 155 11.84 29.34 23.88
CA PRO A 155 10.40 29.12 23.40
CA PRO A 155 10.49 29.04 23.40
C PRO A 155 10.12 28.20 22.19
C PRO A 155 10.72 27.97 22.36
N ASN A 156 10.24 26.91 22.45
N ASN A 156 10.00 26.87 22.50
CA ASN A 156 9.97 25.88 21.45
CA ASN A 156 9.94 25.87 21.47
C ASN A 156 8.53 25.39 21.53
C ASN A 156 8.52 25.37 21.52
N PHE A 157 7.77 25.51 20.43
CA PHE A 157 6.39 25.08 20.42
C PHE A 157 6.19 23.61 20.76
N TYR A 158 7.23 22.81 20.58
CA TYR A 158 7.19 21.41 20.97
C TYR A 158 6.87 21.27 22.46
N HIS A 159 7.40 22.16 23.28
CA HIS A 159 7.15 22.12 24.72
C HIS A 159 5.67 22.28 25.00
N ASP A 160 5.05 23.24 24.31
CA ASP A 160 3.63 23.52 24.50
C ASP A 160 2.76 22.38 24.04
N LEU A 161 3.11 21.76 22.91
CA LEU A 161 2.38 20.60 22.42
C LEU A 161 2.46 19.43 23.41
N GLU A 162 3.66 19.17 23.92
CA GLU A 162 3.82 18.09 24.91
C GLU A 162 2.96 18.36 26.14
N ASP A 163 2.99 19.59 26.64
CA ASP A 163 2.26 19.91 27.84
C ASP A 163 0.77 19.68 27.67
N ILE A 164 0.21 20.04 26.52
CA ILE A 164 -1.21 19.77 26.23
C ILE A 164 -1.46 18.24 26.16
N LEU A 165 -0.56 17.53 25.49
CA LEU A 165 -0.69 16.08 25.38
C LEU A 165 -0.79 15.45 26.75
N TYR A 166 0.15 15.76 27.62
CA TYR A 166 0.18 15.13 28.95
C TYR A 166 -1.06 15.46 29.75
N GLU A 167 -1.48 16.73 29.72
CA GLU A 167 -2.63 17.15 30.50
C GLU A 167 -3.91 16.49 30.01
N GLU A 168 -4.15 16.51 28.70
CA GLU A 168 -5.42 16.03 28.17
C GLU A 168 -5.51 14.52 28.22
N THR A 169 -4.41 13.83 28.01
CA THR A 169 -4.45 12.36 28.05
C THR A 169 -4.55 11.88 29.48
N GLY A 170 -3.85 12.54 30.40
CA GLY A 170 -3.96 12.18 31.82
C GLY A 170 -5.35 12.34 32.39
N LYS A 171 -6.02 13.43 32.06
CA LYS A 171 -7.40 13.71 32.55
C LYS A 171 -8.41 12.70 32.01
N ASN A 172 -8.13 12.12 30.85
CA ASN A 172 -9.11 11.31 30.12
C ASN A 172 -8.75 9.84 29.98
N ASN A 173 -7.75 9.40 30.75
CA ASN A 173 -7.34 8.01 30.76
C ASN A 173 -6.98 7.46 29.36
N LEU A 174 -6.24 8.26 28.62
CA LEU A 174 -5.71 7.90 27.33
C LEU A 174 -4.22 7.67 27.44
N THR A 175 -3.66 6.85 26.57
CA THR A 175 -2.21 6.76 26.47
C THR A 175 -1.68 7.77 25.46
N TRP A 176 -0.39 8.06 25.55
CA TRP A 176 0.27 9.04 24.71
C TRP A 176 1.60 8.51 24.21
N SER A 177 2.08 9.10 23.12
CA SER A 177 3.47 8.94 22.74
C SER A 177 3.94 10.24 22.09
N VAL A 178 5.22 10.56 22.30
CA VAL A 178 5.86 11.67 21.61
C VAL A 178 6.93 11.09 20.70
N HIS A 179 6.90 11.42 19.43
CA HIS A 179 7.85 10.92 18.45
C HIS A 179 8.72 12.07 18.00
N ARG A 180 10.03 11.90 18.07
CA ARG A 180 10.99 12.95 17.67
C ARG A 180 11.79 12.48 16.47
N PRO A 181 11.22 12.56 15.26
CA PRO A 181 11.97 12.14 14.10
C PRO A 181 13.17 13.00 13.84
N ALA A 182 14.17 12.37 13.25
CA ALA A 182 15.23 13.06 12.56
C ALA A 182 14.72 13.71 11.25
N LEU A 183 15.62 14.35 10.54
CA LEU A 183 15.34 14.87 9.17
C LEU A 183 14.55 13.81 8.39
N VAL A 184 13.42 14.15 7.77
CA VAL A 184 12.62 13.12 7.11
C VAL A 184 12.95 13.02 5.63
N PHE A 185 13.16 11.79 5.14
CA PHE A 185 13.24 11.46 3.73
C PHE A 185 11.83 10.97 3.31
N GLY A 186 11.12 11.77 2.51
CA GLY A 186 9.79 11.44 2.05
C GLY A 186 9.49 11.98 0.70
N PHE A 187 8.20 11.92 0.32
CA PHE A 187 7.76 12.15 -1.06
C PHE A 187 6.69 13.21 -1.27
N SER A 188 6.11 13.75 -0.19
CA SER A 188 4.99 14.69 -0.39
C SER A 188 5.47 15.98 -1.03
N PRO A 189 4.76 16.46 -2.04
CA PRO A 189 5.09 17.75 -2.63
C PRO A 189 4.35 18.90 -1.96
N CYS A 190 3.62 18.64 -0.89
CA CYS A 190 2.82 19.61 -0.15
C CYS A 190 3.45 19.93 1.18
N SER A 191 4.64 19.40 1.46
CA SER A 191 5.28 19.57 2.77
C SER A 191 5.93 20.92 2.79
N MET A 192 6.06 21.50 3.98
CA MET A 192 6.83 22.72 4.15
C MET A 192 8.30 22.46 4.41
N MET A 193 8.69 21.19 4.57
CA MET A 193 10.08 20.85 4.90
C MET A 193 10.40 19.46 4.36
N ASN A 194 10.61 19.37 3.05
CA ASN A 194 10.91 18.09 2.42
C ASN A 194 12.26 18.20 1.68
N ILE A 195 13.29 17.68 2.35
CA ILE A 195 14.65 17.82 1.82
C ILE A 195 14.83 17.08 0.50
N VAL A 196 14.31 15.86 0.36
CA VAL A 196 14.50 15.11 -0.87
C VAL A 196 13.87 15.88 -2.06
N SER A 197 12.63 16.32 -1.87
CA SER A 197 11.97 17.07 -2.94
CA SER A 197 11.96 17.10 -2.89
C SER A 197 12.74 18.35 -3.27
N THR A 198 13.19 19.05 -2.25
CA THR A 198 13.94 20.29 -2.43
C THR A 198 15.18 20.04 -3.30
N LEU A 199 15.92 18.98 -2.96
CA LEU A 199 17.16 18.69 -3.72
C LEU A 199 16.87 18.14 -5.12
N CYS A 200 15.78 17.37 -5.29
CA CYS A 200 15.35 16.94 -6.63
C CYS A 200 14.96 18.14 -7.52
N VAL A 201 14.31 19.11 -6.91
CA VAL A 201 13.90 20.32 -7.65
C VAL A 201 15.15 21.10 -8.08
N TYR A 202 16.09 21.28 -7.14
CA TYR A 202 17.35 21.92 -7.50
C TYR A 202 18.06 21.18 -8.62
N ALA A 203 18.18 19.85 -8.49
CA ALA A 203 18.84 19.06 -9.52
C ALA A 203 18.16 19.21 -10.89
N THR A 204 16.82 19.20 -10.86
CA THR A 204 16.02 19.35 -12.07
C THR A 204 16.21 20.72 -12.73
N ILE A 205 16.27 21.78 -11.92
CA ILE A 205 16.54 23.11 -12.46
C ILE A 205 17.96 23.20 -13.04
N CYS A 206 18.95 22.64 -12.33
CA CYS A 206 20.31 22.59 -12.87
C CYS A 206 20.33 21.86 -14.22
N LYS A 207 19.67 20.70 -14.28
CA LYS A 207 19.63 19.93 -15.53
C LYS A 207 18.96 20.73 -16.66
N HIS A 208 17.83 21.34 -16.35
CA HIS A 208 17.11 22.18 -17.32
C HIS A 208 17.97 23.31 -17.88
N GLU A 209 18.82 23.89 -17.04
CA GLU A 209 19.68 25.04 -17.42
C GLU A 209 21.07 24.62 -17.90
N ASN A 210 21.33 23.31 -18.08
CA ASN A 210 22.63 22.81 -18.50
C ASN A 210 23.76 23.22 -17.56
N LYS A 211 23.49 23.15 -16.27
CA LYS A 211 24.44 23.50 -15.24
C LYS A 211 24.72 22.28 -14.40
N ALA A 212 25.88 22.28 -13.74
CA ALA A 212 26.25 21.19 -12.85
C ALA A 212 25.47 21.26 -11.56
N LEU A 213 25.41 20.13 -10.88
CA LEU A 213 24.87 20.06 -9.53
C LEU A 213 25.88 20.58 -8.53
N VAL A 214 25.83 21.89 -8.27
CA VAL A 214 26.82 22.57 -7.42
C VAL A 214 26.40 22.52 -5.97
N TYR A 215 27.20 21.86 -5.12
CA TYR A 215 26.93 21.83 -3.68
C TYR A 215 27.10 23.24 -3.10
N PRO A 216 26.02 23.77 -2.48
CA PRO A 216 26.09 25.13 -1.92
C PRO A 216 26.43 25.21 -0.42
N GLY A 217 26.62 24.06 0.22
CA GLY A 217 26.70 24.00 1.67
C GLY A 217 28.06 24.27 2.28
N SER A 218 28.11 24.08 3.59
CA SER A 218 29.33 24.25 4.34
C SER A 218 30.27 23.02 4.21
N LYS A 219 31.53 23.25 4.51
CA LYS A 219 32.50 22.16 4.62
C LYS A 219 32.06 21.16 5.67
N ASN A 220 31.65 21.67 6.82
CA ASN A 220 31.38 20.78 7.94
C ASN A 220 30.23 19.85 7.60
N SER A 221 29.15 20.36 6.99
CA SER A 221 28.04 19.54 6.66
C SER A 221 28.34 18.55 5.51
N TRP A 222 29.32 18.86 4.68
CA TRP A 222 29.70 17.93 3.59
C TRP A 222 30.32 16.66 4.17
N ASN A 223 31.16 16.83 5.19
CA ASN A 223 32.01 15.75 5.71
C ASN A 223 31.53 15.07 6.98
N CYS A 224 30.60 15.68 7.71
CA CYS A 224 30.22 15.18 9.02
C CYS A 224 29.29 13.98 8.87
N TYR A 225 29.10 13.26 9.96
CA TYR A 225 28.03 12.27 10.01
C TYR A 225 26.70 12.93 10.24
N ALA A 226 25.70 12.48 9.50
CA ALA A 226 24.32 12.96 9.57
C ALA A 226 23.38 11.77 9.65
N ASP A 227 22.16 12.02 10.06
CA ASP A 227 21.14 10.99 10.06
C ASP A 227 19.80 11.53 9.63
N ALA A 228 18.90 10.62 9.34
CA ALA A 228 17.61 10.93 8.75
C ALA A 228 16.66 9.76 9.04
N VAL A 229 15.41 9.93 8.59
CA VAL A 229 14.41 8.88 8.78
C VAL A 229 13.47 8.85 7.59
N ASP A 230 13.25 7.66 7.06
CA ASP A 230 12.26 7.53 6.01
C ASP A 230 10.86 7.79 6.57
N ALA A 231 10.04 8.52 5.81
CA ALA A 231 8.68 8.79 6.24
C ALA A 231 7.88 7.51 6.55
N ASP A 232 8.12 6.42 5.82
CA ASP A 232 7.44 5.17 6.07
C ASP A 232 7.85 4.56 7.41
N LEU A 233 9.12 4.76 7.77
CA LEU A 233 9.58 4.29 9.07
C LEU A 233 9.00 5.11 10.24
N VAL A 234 8.86 6.43 10.06
CA VAL A 234 8.17 7.22 11.07
C VAL A 234 6.73 6.69 11.20
N ALA A 235 6.06 6.41 10.07
CA ALA A 235 4.72 5.89 10.14
C ALA A 235 4.67 4.57 10.92
N GLU A 236 5.59 3.65 10.58
CA GLU A 236 5.68 2.40 11.30
C GLU A 236 5.92 2.55 12.80
N HIS A 237 6.77 3.50 13.12
CA HIS A 237 7.12 3.78 14.55
C HIS A 237 5.93 4.35 15.32
N GLU A 238 5.21 5.29 14.68
CA GLU A 238 3.98 5.83 15.29
C GLU A 238 2.91 4.78 15.47
N ILE A 239 2.76 3.90 14.46
CA ILE A 239 1.80 2.83 14.57
C ILE A 239 2.18 1.83 15.67
N TRP A 240 3.47 1.50 15.75
CA TRP A 240 3.97 0.67 16.84
C TRP A 240 3.60 1.20 18.22
N ALA A 241 3.84 2.49 18.41
CA ALA A 241 3.50 3.09 19.70
C ALA A 241 2.00 3.16 19.96
N ALA A 242 1.23 3.29 18.88
CA ALA A 242 -0.21 3.29 18.96
C ALA A 242 -0.83 1.95 19.37
N VAL A 243 -0.17 0.84 19.03
CA VAL A 243 -0.71 -0.51 19.19
CA VAL A 243 -0.74 -0.50 19.22
C VAL A 243 -0.01 -1.37 20.25
N ASP A 244 1.28 -1.14 20.49
CA ASP A 244 2.06 -2.04 21.38
C ASP A 244 2.10 -1.48 22.82
N PRO A 245 1.62 -2.23 23.82
CA PRO A 245 1.63 -1.72 25.21
C PRO A 245 3.01 -1.35 25.75
N LYS A 246 4.07 -1.97 25.26
CA LYS A 246 5.43 -1.58 25.68
C LYS A 246 5.87 -0.19 25.39
N ALA A 247 5.32 0.38 24.32
CA ALA A 247 5.71 1.66 23.86
C ALA A 247 4.86 2.78 24.46
N LYS A 248 3.83 2.44 25.23
CA LYS A 248 2.86 3.46 25.65
C LYS A 248 3.43 4.39 26.70
N ASN A 249 3.01 5.65 26.61
CA ASN A 249 3.44 6.71 27.53
C ASN A 249 4.95 6.88 27.52
N GLN A 250 5.51 7.03 26.33
CA GLN A 250 6.94 7.22 26.14
C GLN A 250 7.25 8.29 25.11
N VAL A 251 8.34 9.01 25.38
CA VAL A 251 9.00 9.88 24.42
C VAL A 251 10.03 9.04 23.66
N LEU A 252 9.99 9.10 22.33
CA LEU A 252 10.75 8.18 21.49
C LEU A 252 11.36 8.90 20.31
N ASN A 253 12.67 8.85 20.14
CA ASN A 253 13.31 9.26 18.90
C ASN A 253 12.96 8.33 17.76
N CYS A 254 13.09 8.80 16.52
CA CYS A 254 12.89 7.95 15.36
C CYS A 254 13.85 8.32 14.26
N ASN A 255 14.80 7.43 13.97
CA ASN A 255 15.68 7.58 12.80
C ASN A 255 15.89 6.23 12.14
N ASN A 256 16.53 6.25 10.96
CA ASN A 256 16.73 5.04 10.16
C ASN A 256 17.65 3.98 10.77
N GLY A 257 18.41 4.36 11.80
CA GLY A 257 19.26 3.43 12.50
C GLY A 257 20.71 3.44 12.10
N ASP A 258 21.05 4.24 11.11
CA ASP A 258 22.38 4.33 10.52
C ASP A 258 22.78 5.81 10.44
N VAL A 259 23.95 6.05 9.87
CA VAL A 259 24.39 7.44 9.55
C VAL A 259 24.83 7.50 8.10
N PHE A 260 24.91 8.73 7.56
CA PHE A 260 25.37 8.95 6.18
C PHE A 260 26.18 10.23 6.16
N LYS A 261 26.75 10.56 5.00
CA LYS A 261 27.32 11.89 4.81
C LYS A 261 26.73 12.55 3.60
N TRP A 262 26.52 13.86 3.67
CA TRP A 262 25.97 14.57 2.54
C TRP A 262 26.89 14.46 1.30
N LYS A 263 28.21 14.35 1.50
CA LYS A 263 29.12 14.13 0.39
C LYS A 263 28.66 12.95 -0.46
N HIS A 264 28.24 11.87 0.20
CA HIS A 264 27.89 10.63 -0.49
C HIS A 264 26.50 10.75 -1.12
N ILE A 265 25.58 11.38 -0.41
CA ILE A 265 24.25 11.65 -0.96
C ILE A 265 24.39 12.50 -2.25
N TRP A 266 25.28 13.47 -2.23
CA TRP A 266 25.41 14.42 -3.35
C TRP A 266 25.81 13.71 -4.61
N LYS A 267 26.76 12.79 -4.52
CA LYS A 267 27.18 11.97 -5.65
C LYS A 267 26.02 11.16 -6.18
N LYS A 268 25.26 10.54 -5.30
CA LYS A 268 24.11 9.76 -5.72
CA LYS A 268 24.11 9.73 -5.71
C LYS A 268 23.06 10.62 -6.41
N LEU A 269 22.80 11.81 -5.87
CA LEU A 269 21.83 12.75 -6.46
C LEU A 269 22.23 13.13 -7.89
N ALA A 270 23.50 13.45 -8.10
CA ALA A 270 23.96 13.78 -9.44
C ALA A 270 23.81 12.60 -10.39
N GLU A 271 24.15 11.41 -9.92
CA GLU A 271 23.97 10.19 -10.75
C GLU A 271 22.50 9.94 -11.11
N GLU A 272 21.61 10.17 -10.16
CA GLU A 272 20.20 9.96 -10.37
C GLU A 272 19.62 10.90 -11.41
N PHE A 273 20.21 12.09 -11.55
CA PHE A 273 19.77 13.09 -12.55
C PHE A 273 20.64 13.18 -13.78
N GLY A 274 21.69 12.35 -13.87
CA GLY A 274 22.51 12.31 -15.07
C GLY A 274 23.23 13.59 -15.36
N ILE A 275 23.69 14.26 -14.31
CA ILE A 275 24.39 15.53 -14.45
C ILE A 275 25.71 15.53 -13.67
N GLU A 276 26.59 16.44 -14.06
CA GLU A 276 27.89 16.62 -13.41
C GLU A 276 27.71 17.10 -11.97
N MET A 277 28.56 16.61 -11.10
CA MET A 277 28.60 17.05 -9.72
C MET A 277 29.74 18.04 -9.52
N VAL A 278 29.48 19.13 -8.82
CA VAL A 278 30.54 19.95 -8.22
C VAL A 278 30.35 19.83 -6.72
N GLY A 279 31.27 19.12 -6.06
CA GLY A 279 31.17 18.92 -4.63
C GLY A 279 31.70 20.12 -3.89
N TYR A 280 31.89 19.94 -2.58
CA TYR A 280 32.47 20.99 -1.78
C TYR A 280 33.87 21.33 -2.27
N VAL A 281 34.16 22.63 -2.39
CA VAL A 281 35.46 23.12 -2.84
C VAL A 281 36.17 23.72 -1.63
N GLU A 282 37.36 23.21 -1.34
CA GLU A 282 38.12 23.62 -0.17
CA GLU A 282 38.12 23.63 -0.17
C GLU A 282 38.29 25.14 -0.17
N GLY A 283 37.99 25.77 0.98
CA GLY A 283 38.15 27.21 1.12
C GLY A 283 36.89 28.03 0.88
N LYS A 284 35.88 27.44 0.28
CA LYS A 284 34.65 28.17 0.00
C LYS A 284 33.73 28.18 1.24
N GLU A 285 33.06 29.31 1.40
CA GLU A 285 32.00 29.46 2.40
C GLU A 285 30.69 28.99 1.77
N GLN A 286 29.79 28.55 2.61
CA GLN A 286 28.42 28.23 2.24
C GLN A 286 27.78 29.42 1.56
N VAL A 287 27.03 29.15 0.50
CA VAL A 287 26.18 30.15 -0.14
C VAL A 287 24.72 29.74 0.09
N SER A 288 23.83 30.71 -0.05
CA SER A 288 22.41 30.47 0.17
C SER A 288 21.76 29.85 -1.06
N LEU A 289 21.23 28.66 -0.92
CA LEU A 289 20.43 28.04 -1.98
C LEU A 289 19.10 28.78 -2.17
N ALA A 290 18.52 29.31 -1.08
CA ALA A 290 17.31 30.17 -1.20
C ALA A 290 17.58 31.35 -2.11
N GLU A 291 18.74 31.98 -1.99
CA GLU A 291 19.11 33.09 -2.90
C GLU A 291 19.37 32.64 -4.33
N LEU A 292 20.06 31.53 -4.50
CA LEU A 292 20.30 30.96 -5.83
C LEU A 292 18.99 30.71 -6.57
N MET A 293 17.94 30.35 -5.83
CA MET A 293 16.67 29.93 -6.44
C MET A 293 15.59 31.00 -6.38
N LYS A 294 15.90 32.20 -5.86
CA LYS A 294 14.82 33.16 -5.57
C LYS A 294 14.03 33.62 -6.79
N ASP A 295 14.63 33.59 -7.96
CA ASP A 295 13.93 34.07 -9.16
C ASP A 295 13.45 32.92 -10.06
N LYS A 296 13.37 31.70 -9.54
CA LYS A 296 13.13 30.53 -10.40
C LYS A 296 11.67 30.06 -10.48
N ASP A 297 10.71 30.83 -9.95
CA ASP A 297 9.33 30.38 -9.95
CA ASP A 297 9.31 30.39 -9.94
C ASP A 297 8.82 30.10 -11.36
N GLN A 298 9.05 31.01 -12.30
CA GLN A 298 8.60 30.77 -13.66
C GLN A 298 9.36 29.64 -14.40
N VAL A 299 10.62 29.44 -14.07
CA VAL A 299 11.41 28.33 -14.63
C VAL A 299 10.78 27.01 -14.18
N TRP A 300 10.43 26.90 -12.89
CA TRP A 300 9.75 25.72 -12.40
C TRP A 300 8.42 25.51 -13.14
N ASP A 301 7.64 26.57 -13.32
CA ASP A 301 6.36 26.43 -14.05
C ASP A 301 6.57 25.84 -15.43
N GLU A 302 7.62 26.30 -16.12
CA GLU A 302 7.97 25.80 -17.44
C GLU A 302 8.39 24.31 -17.43
N ILE A 303 9.13 23.93 -16.40
CA ILE A 303 9.56 22.54 -16.25
C ILE A 303 8.36 21.61 -16.02
N VAL A 304 7.44 22.06 -15.18
CA VAL A 304 6.19 21.32 -14.92
C VAL A 304 5.44 21.08 -16.23
N LYS A 305 5.30 22.14 -17.02
CA LYS A 305 4.58 22.03 -18.31
C LYS A 305 5.31 21.11 -19.32
N LYS A 306 6.62 21.31 -19.45
CA LYS A 306 7.40 20.54 -20.41
C LYS A 306 7.44 19.06 -20.12
N ASN A 307 7.47 18.69 -18.84
CA ASN A 307 7.52 17.28 -18.40
C ASN A 307 6.17 16.69 -18.00
N ASN A 308 5.09 17.49 -18.17
CA ASN A 308 3.76 17.07 -17.75
C ASN A 308 3.79 16.52 -16.31
N LEU A 309 4.28 17.33 -15.39
CA LEU A 309 4.27 16.99 -13.97
C LEU A 309 2.96 17.41 -13.33
N VAL A 310 2.69 16.84 -12.18
CA VAL A 310 1.65 17.35 -11.31
C VAL A 310 1.95 18.83 -11.05
N PRO A 311 0.99 19.74 -11.26
CA PRO A 311 1.35 21.16 -11.11
C PRO A 311 1.60 21.57 -9.67
N THR A 312 2.80 22.10 -9.43
CA THR A 312 3.22 22.54 -8.10
C THR A 312 3.82 23.92 -8.24
N LYS A 313 3.66 24.74 -7.21
CA LYS A 313 4.35 26.01 -7.12
C LYS A 313 5.72 25.71 -6.48
N LEU A 314 6.74 26.40 -6.98
CA LEU A 314 8.10 26.19 -6.51
C LEU A 314 8.23 26.27 -5.01
N LYS A 315 7.63 27.30 -4.39
CA LYS A 315 7.81 27.48 -2.92
C LYS A 315 7.06 26.46 -2.08
N GLU A 316 6.15 25.72 -2.70
CA GLU A 316 5.40 24.72 -2.02
C GLU A 316 6.10 23.35 -2.14
N ILE A 317 6.60 22.99 -3.32
CA ILE A 317 7.29 21.70 -3.48
C ILE A 317 8.68 21.72 -2.86
N ALA A 318 9.35 22.87 -2.88
CA ALA A 318 10.74 23.00 -2.41
C ALA A 318 10.83 23.93 -1.24
N ALA A 319 11.75 23.66 -0.34
CA ALA A 319 12.03 24.49 0.82
C ALA A 319 13.54 24.77 0.82
N PHE A 320 13.99 25.66 -0.04
CA PHE A 320 15.44 25.89 -0.15
C PHE A 320 16.04 26.40 1.15
N TRP A 321 15.30 27.21 1.89
CA TRP A 321 15.71 27.67 3.24
C TRP A 321 16.04 26.52 4.20
N PHE A 322 15.33 25.41 4.05
CA PHE A 322 15.47 24.26 4.92
C PHE A 322 16.72 23.46 4.53
N ALA A 323 16.99 23.37 3.22
CA ALA A 323 18.29 22.82 2.78
C ALA A 323 19.45 23.68 3.34
N ASP A 324 19.31 25.01 3.36
CA ASP A 324 20.39 25.86 3.85
C ASP A 324 20.66 25.57 5.33
N ILE A 325 19.64 25.29 6.12
CA ILE A 325 19.83 24.90 7.51
C ILE A 325 20.53 23.52 7.59
N ALA A 326 20.07 22.57 6.80
CA ALA A 326 20.70 21.22 6.79
C ALA A 326 22.19 21.32 6.45
N PHE A 327 22.54 22.23 5.56
CA PHE A 327 23.91 22.35 5.11
C PHE A 327 24.80 23.25 5.94
N CYS A 328 24.30 23.71 7.08
CA CYS A 328 25.18 24.29 8.08
C CYS A 328 25.02 23.58 9.42
N SER A 329 24.43 22.40 9.41
CA SER A 329 24.22 21.62 10.64
C SER A 329 25.31 20.55 10.78
N GLU A 330 25.66 20.26 12.02
N GLU A 330 25.64 20.25 12.03
CA GLU A 330 26.58 19.15 12.37
CA GLU A 330 26.58 19.19 12.39
C GLU A 330 26.24 18.73 13.80
C GLU A 330 26.25 18.75 13.80
N ASN A 331 26.67 17.52 14.17
CA ASN A 331 26.59 17.08 15.56
C ASN A 331 25.15 16.88 16.05
N LEU A 332 24.28 16.44 15.15
CA LEU A 332 22.85 16.30 15.46
C LEU A 332 22.37 14.86 15.50
N ILE A 333 23.28 13.88 15.55
CA ILE A 333 22.87 12.47 15.56
C ILE A 333 21.99 12.17 16.80
N SER A 334 20.92 11.41 16.57
CA SER A 334 20.04 10.94 17.63
C SER A 334 20.15 9.44 17.83
N SER A 335 19.88 9.02 19.06
CA SER A 335 19.95 7.58 19.40
C SER A 335 18.62 6.89 19.24
N MET A 336 18.69 5.69 18.68
CA MET A 336 17.55 4.77 18.62
C MET A 336 17.57 3.69 19.70
N ASN A 337 18.50 3.74 20.64
CA ASN A 337 18.59 2.68 21.61
C ASN A 337 17.32 2.52 22.41
N LYS A 338 16.64 3.59 22.82
CA LYS A 338 15.45 3.40 23.66
C LYS A 338 14.38 2.60 22.91
N SER A 339 14.14 2.97 21.65
CA SER A 339 13.14 2.24 20.87
C SER A 339 13.56 0.78 20.67
N LYS A 340 14.83 0.54 20.37
CA LYS A 340 15.29 -0.83 20.17
C LYS A 340 15.16 -1.65 21.46
N GLU A 341 15.50 -1.05 22.58
N GLU A 341 15.51 -1.06 22.59
CA GLU A 341 15.39 -1.73 23.89
CA GLU A 341 15.39 -1.74 23.88
C GLU A 341 13.95 -2.06 24.27
C GLU A 341 13.94 -2.07 24.27
N LEU A 342 12.98 -1.27 23.76
CA LEU A 342 11.56 -1.54 23.93
C LEU A 342 10.98 -2.47 22.87
N GLY A 343 11.81 -2.93 21.93
CA GLY A 343 11.43 -3.94 20.97
C GLY A 343 11.15 -3.50 19.56
N PHE A 344 11.31 -2.20 19.25
CA PHE A 344 11.10 -1.74 17.89
C PHE A 344 12.41 -1.86 17.12
N LEU A 345 12.43 -2.76 16.16
CA LEU A 345 13.68 -3.06 15.40
C LEU A 345 13.59 -2.62 13.94
N GLY A 346 12.59 -1.77 13.61
CA GLY A 346 12.54 -1.22 12.27
C GLY A 346 13.71 -0.31 11.94
N PHE A 347 14.13 -0.38 10.67
CA PHE A 347 15.30 0.39 10.22
C PHE A 347 15.18 0.64 8.73
N ARG A 348 16.00 1.54 8.20
CA ARG A 348 16.22 1.63 6.77
C ARG A 348 17.67 1.90 6.51
N ASN A 349 18.14 1.47 5.34
CA ASN A 349 19.42 1.91 4.80
C ASN A 349 19.22 3.32 4.27
N SER A 350 19.84 4.32 4.85
CA SER A 350 19.57 5.72 4.48
C SER A 350 19.93 6.06 3.06
N MET A 351 20.97 5.47 2.51
CA MET A 351 21.32 5.74 1.12
C MET A 351 20.26 5.17 0.21
N LYS A 352 19.78 3.98 0.54
CA LYS A 352 18.67 3.38 -0.22
C LYS A 352 17.36 4.14 -0.02
N SER A 353 17.11 4.65 1.17
CA SER A 353 15.91 5.43 1.47
C SER A 353 15.90 6.69 0.59
N PHE A 354 17.02 7.39 0.51
CA PHE A 354 17.09 8.64 -0.27
C PHE A 354 16.70 8.32 -1.72
N VAL A 355 17.31 7.31 -2.30
CA VAL A 355 17.00 6.91 -3.69
C VAL A 355 15.55 6.47 -3.85
N SER A 356 15.01 5.74 -2.89
CA SER A 356 13.64 5.30 -2.98
CA SER A 356 13.61 5.32 -2.92
C SER A 356 12.67 6.50 -2.97
N CYS A 357 13.00 7.55 -2.25
CA CYS A 357 12.18 8.77 -2.27
C CYS A 357 12.25 9.47 -3.63
N ILE A 358 13.43 9.52 -4.27
CA ILE A 358 13.52 10.08 -5.62
C ILE A 358 12.65 9.24 -6.57
N ASP A 359 12.78 7.91 -6.49
CA ASP A 359 12.00 7.01 -7.32
CA ASP A 359 11.99 7.05 -7.38
C ASP A 359 10.50 7.25 -7.17
N LYS A 360 10.07 7.40 -5.92
CA LYS A 360 8.67 7.56 -5.61
C LYS A 360 8.12 8.89 -6.14
N MET A 361 8.89 9.97 -5.94
N MET A 361 8.88 9.97 -5.94
CA MET A 361 8.45 11.27 -6.47
CA MET A 361 8.45 11.27 -6.48
C MET A 361 8.38 11.27 -8.00
C MET A 361 8.38 11.27 -8.00
N ARG A 362 9.26 10.51 -8.65
CA ARG A 362 9.17 10.33 -10.11
C ARG A 362 7.93 9.52 -10.50
N ASP A 363 7.66 8.45 -9.76
CA ASP A 363 6.44 7.64 -10.04
C ASP A 363 5.14 8.44 -9.97
N TYR A 364 5.07 9.30 -8.96
CA TYR A 364 3.89 10.15 -8.74
CA TYR A 364 3.90 10.12 -8.73
C TYR A 364 3.85 11.33 -9.69
N ARG A 365 4.88 11.51 -10.54
CA ARG A 365 4.96 12.60 -11.51
C ARG A 365 5.11 13.96 -10.84
N PHE A 366 5.75 13.97 -9.67
CA PHE A 366 6.10 15.25 -9.04
C PHE A 366 7.41 15.79 -9.59
N ILE A 367 8.30 14.91 -10.05
CA ILE A 367 9.63 15.25 -10.51
C ILE A 367 9.86 14.53 -11.84
N PRO A 368 10.61 15.10 -12.79
CA PRO A 368 10.81 14.43 -14.07
C PRO A 368 11.54 13.07 -13.94
N LYS A 369 11.19 12.15 -14.83
CA LYS A 369 11.85 10.86 -14.91
C LYS A 369 13.29 11.06 -15.34
N ALA A 370 14.12 10.04 -15.13
CA ALA A 370 15.51 10.11 -15.59
C ALA A 370 15.60 10.17 -17.11
N PHE A 371 16.43 11.07 -17.62
CA PHE A 371 16.67 11.20 -19.07
C PHE A 371 18.08 11.74 -19.36
N GLY B 3 25.57 -32.30 -14.66
CA GLY B 3 24.92 -32.39 -16.00
C GLY B 3 24.49 -31.05 -16.59
N VAL B 4 23.75 -31.12 -17.70
CA VAL B 4 23.45 -29.93 -18.51
C VAL B 4 22.30 -29.09 -17.99
N CYS B 5 22.33 -27.80 -18.35
CA CYS B 5 21.26 -26.88 -18.06
CA CYS B 5 21.26 -26.88 -18.06
C CYS B 5 20.00 -27.38 -18.77
N LYS B 6 18.87 -27.31 -18.08
CA LYS B 6 17.59 -27.75 -18.64
C LYS B 6 17.09 -26.80 -19.72
N SER B 7 16.34 -27.36 -20.68
CA SER B 7 15.80 -26.65 -21.83
C SER B 7 14.31 -26.44 -21.61
N TYR B 8 13.87 -25.23 -21.86
CA TYR B 8 12.47 -24.89 -21.76
C TYR B 8 12.03 -24.21 -23.04
N LYS B 9 10.78 -24.38 -23.38
CA LYS B 9 10.23 -23.66 -24.50
C LYS B 9 9.85 -22.24 -24.07
N SER B 10 9.29 -22.11 -22.87
CA SER B 10 8.79 -20.81 -22.37
C SER B 10 9.18 -20.66 -20.90
N VAL B 11 9.36 -19.42 -20.47
CA VAL B 11 9.78 -19.10 -19.09
C VAL B 11 8.83 -18.04 -18.52
N ALA B 12 8.04 -18.44 -17.52
CA ALA B 12 7.03 -17.57 -16.90
C ALA B 12 7.57 -16.85 -15.70
N LEU B 13 7.22 -15.58 -15.58
CA LEU B 13 7.32 -14.85 -14.30
C LEU B 13 5.92 -14.61 -13.77
N VAL B 14 5.57 -15.33 -12.69
CA VAL B 14 4.25 -15.24 -12.08
C VAL B 14 4.40 -14.31 -10.90
N VAL B 15 3.84 -13.11 -11.03
CA VAL B 15 3.95 -12.09 -9.98
C VAL B 15 2.68 -12.16 -9.17
N GLY B 16 2.84 -12.67 -7.94
CA GLY B 16 1.73 -13.03 -7.05
C GLY B 16 1.48 -14.53 -6.97
N VAL B 17 2.55 -15.30 -6.85
CA VAL B 17 2.46 -16.77 -6.99
C VAL B 17 1.71 -17.46 -5.86
N THR B 18 1.60 -16.80 -4.70
CA THR B 18 0.81 -17.32 -3.59
C THR B 18 -0.65 -16.92 -3.63
N GLY B 19 -1.01 -16.12 -4.62
CA GLY B 19 -2.38 -15.62 -4.75
C GLY B 19 -3.36 -16.64 -5.29
N ILE B 20 -4.62 -16.25 -5.36
CA ILE B 20 -5.67 -17.20 -5.77
C ILE B 20 -5.54 -17.68 -7.23
N VAL B 21 -5.05 -16.81 -8.12
CA VAL B 21 -4.73 -17.23 -9.50
C VAL B 21 -3.26 -17.65 -9.62
N GLY B 22 -2.33 -16.90 -9.03
CA GLY B 22 -0.92 -17.28 -9.16
C GLY B 22 -0.65 -18.71 -8.69
N SER B 23 -1.33 -19.18 -7.64
CA SER B 23 -1.10 -20.55 -7.13
C SER B 23 -1.58 -21.60 -8.13
N SER B 24 -2.64 -21.26 -8.85
CA SER B 24 -3.12 -22.13 -9.91
CA SER B 24 -3.14 -22.11 -9.95
C SER B 24 -2.19 -22.11 -11.13
N LEU B 25 -1.70 -20.94 -11.53
CA LEU B 25 -0.66 -20.90 -12.58
C LEU B 25 0.53 -21.78 -12.23
N ALA B 26 0.93 -21.75 -10.96
CA ALA B 26 2.07 -22.58 -10.50
C ALA B 26 1.86 -24.05 -10.77
N GLU B 27 0.62 -24.50 -10.76
CA GLU B 27 0.28 -25.86 -11.08
C GLU B 27 0.06 -26.06 -12.59
N VAL B 28 -0.77 -25.24 -13.21
CA VAL B 28 -1.16 -25.47 -14.62
C VAL B 28 0.05 -25.33 -15.54
N LEU B 29 0.95 -24.38 -15.26
CA LEU B 29 2.11 -24.16 -16.16
C LEU B 29 3.01 -25.38 -16.23
N LYS B 30 2.99 -26.19 -15.20
CA LYS B 30 3.89 -27.35 -15.12
C LYS B 30 3.25 -28.63 -15.62
N LEU B 31 2.01 -28.63 -16.10
CA LEU B 31 1.35 -29.83 -16.66
C LEU B 31 1.91 -30.14 -18.04
N PRO B 32 1.97 -31.43 -18.39
CA PRO B 32 2.66 -31.79 -19.62
C PRO B 32 2.01 -31.27 -20.91
N ASP B 33 0.70 -31.13 -20.94
CA ASP B 33 0.03 -30.73 -22.18
C ASP B 33 -0.28 -29.26 -22.23
N THR B 34 0.19 -28.48 -21.27
CA THR B 34 -0.11 -27.06 -21.28
C THR B 34 0.53 -26.36 -22.48
N PRO B 35 -0.25 -25.54 -23.19
CA PRO B 35 0.30 -24.81 -24.32
C PRO B 35 1.53 -23.97 -23.93
N GLY B 36 2.52 -23.97 -24.83
CA GLY B 36 3.77 -23.24 -24.64
C GLY B 36 4.81 -24.02 -23.85
N GLY B 37 4.46 -25.21 -23.37
CA GLY B 37 5.39 -26.01 -22.56
C GLY B 37 6.49 -26.69 -23.36
N PRO B 38 7.55 -27.15 -22.69
CA PRO B 38 7.68 -27.10 -21.23
C PRO B 38 8.02 -25.70 -20.69
N TRP B 39 7.38 -25.38 -19.59
CA TRP B 39 7.55 -24.08 -18.91
C TRP B 39 8.49 -24.16 -17.72
N LYS B 40 9.38 -23.18 -17.59
CA LYS B 40 10.05 -22.89 -16.35
C LYS B 40 9.21 -21.81 -15.66
N VAL B 41 9.05 -21.89 -14.35
CA VAL B 41 8.26 -20.91 -13.60
C VAL B 41 9.06 -20.26 -12.47
N TYR B 42 9.20 -18.94 -12.57
CA TYR B 42 9.62 -18.09 -11.45
C TYR B 42 8.36 -17.59 -10.78
N GLY B 43 8.26 -17.72 -9.46
CA GLY B 43 7.10 -17.21 -8.73
C GLY B 43 7.54 -16.16 -7.73
N VAL B 44 6.94 -14.98 -7.80
CA VAL B 44 7.30 -13.86 -6.93
C VAL B 44 6.18 -13.60 -5.93
N ALA B 45 6.54 -13.41 -4.65
CA ALA B 45 5.62 -12.86 -3.66
C ALA B 45 6.45 -12.24 -2.55
N ARG B 46 5.80 -11.56 -1.62
CA ARG B 46 6.53 -10.74 -0.62
C ARG B 46 6.93 -11.58 0.59
N ARG B 47 6.05 -12.48 1.01
CA ARG B 47 6.28 -13.35 2.19
C ARG B 47 7.34 -14.41 1.91
N PRO B 48 7.95 -14.98 2.96
CA PRO B 48 8.79 -16.18 2.76
C PRO B 48 7.96 -17.31 2.10
N CYS B 49 8.59 -18.12 1.27
CA CYS B 49 7.85 -19.20 0.58
C CYS B 49 7.15 -20.11 1.58
N PRO B 50 5.80 -20.25 1.45
CA PRO B 50 5.14 -21.26 2.31
C PRO B 50 5.55 -22.70 1.99
N VAL B 51 5.49 -23.58 2.97
CA VAL B 51 5.86 -25.00 2.80
C VAL B 51 5.07 -25.63 1.65
N TRP B 52 3.79 -25.27 1.53
CA TRP B 52 2.98 -25.86 0.48
C TRP B 52 3.48 -25.52 -0.91
N LEU B 53 4.02 -24.32 -1.09
CA LEU B 53 4.55 -23.94 -2.36
C LEU B 53 5.98 -24.45 -2.61
N ALA B 54 6.73 -24.65 -1.54
CA ALA B 54 8.06 -25.24 -1.66
C ALA B 54 8.04 -26.68 -2.14
N LYS B 55 6.87 -27.34 -2.08
CA LYS B 55 6.75 -28.70 -2.61
C LYS B 55 6.29 -28.68 -4.08
N LYS B 56 6.40 -27.55 -4.76
CA LYS B 56 6.09 -27.42 -6.18
C LYS B 56 7.36 -27.05 -6.96
N PRO B 57 7.44 -27.44 -8.25
CA PRO B 57 8.62 -27.17 -9.07
C PRO B 57 8.56 -25.74 -9.64
N VAL B 58 8.62 -24.77 -8.72
CA VAL B 58 8.57 -23.33 -8.98
C VAL B 58 9.78 -22.74 -8.29
N GLU B 59 10.49 -21.85 -8.99
CA GLU B 59 11.61 -21.13 -8.39
CA GLU B 59 11.62 -21.12 -8.40
C GLU B 59 11.05 -19.88 -7.71
N TYR B 60 11.03 -19.89 -6.39
CA TYR B 60 10.43 -18.81 -5.62
C TYR B 60 11.41 -17.67 -5.43
N ILE B 61 10.90 -16.48 -5.67
CA ILE B 61 11.66 -15.24 -5.48
C ILE B 61 10.90 -14.38 -4.48
N GLN B 62 11.45 -14.24 -3.29
CA GLN B 62 10.85 -13.39 -2.28
C GLN B 62 11.25 -11.95 -2.59
N CYS B 63 10.28 -11.10 -2.84
CA CYS B 63 10.56 -9.72 -3.24
C CYS B 63 9.38 -8.85 -2.90
N ASP B 64 9.61 -7.68 -2.30
CA ASP B 64 8.59 -6.64 -2.20
C ASP B 64 8.60 -5.81 -3.48
N VAL B 65 7.62 -6.09 -4.35
CA VAL B 65 7.62 -5.47 -5.67
C VAL B 65 7.19 -4.01 -5.63
N SER B 66 6.77 -3.52 -4.46
CA SER B 66 6.56 -2.08 -4.28
C SER B 66 7.85 -1.33 -4.09
N ASN B 67 8.99 -2.01 -3.96
CA ASN B 67 10.30 -1.38 -3.76
C ASN B 67 11.12 -1.52 -5.02
N ASN B 68 11.35 -0.39 -5.69
CA ASN B 68 12.01 -0.42 -7.00
C ASN B 68 13.43 -0.97 -6.93
N GLN B 69 14.27 -0.51 -6.00
CA GLN B 69 15.65 -1.00 -5.94
CA GLN B 69 15.66 -1.01 -5.96
C GLN B 69 15.72 -2.50 -5.68
N GLU B 70 14.86 -2.98 -4.78
CA GLU B 70 14.85 -4.41 -4.46
C GLU B 70 14.39 -5.22 -5.65
N THR B 71 13.37 -4.75 -6.35
CA THR B 71 12.85 -5.47 -7.51
C THR B 71 13.87 -5.54 -8.63
N ILE B 72 14.56 -4.45 -8.89
CA ILE B 72 15.66 -4.47 -9.85
C ILE B 72 16.69 -5.52 -9.44
N SER B 73 17.10 -5.52 -8.19
CA SER B 73 18.13 -6.43 -7.71
CA SER B 73 18.15 -6.44 -7.74
C SER B 73 17.73 -7.90 -7.90
N LYS B 74 16.47 -8.20 -7.64
CA LYS B 74 15.99 -9.59 -7.66
C LYS B 74 15.56 -10.08 -9.00
N LEU B 75 15.04 -9.22 -9.86
CA LEU B 75 14.51 -9.66 -11.16
C LEU B 75 15.42 -9.40 -12.35
N SER B 76 16.28 -8.40 -12.26
CA SER B 76 17.20 -8.13 -13.38
C SER B 76 18.12 -9.29 -13.78
N PRO B 77 18.46 -10.22 -12.85
CA PRO B 77 19.27 -11.37 -13.30
C PRO B 77 18.53 -12.40 -14.14
N LEU B 78 17.21 -12.29 -14.22
CA LEU B 78 16.38 -13.35 -14.83
C LEU B 78 16.27 -13.10 -16.34
N LYS B 79 17.32 -13.44 -17.06
CA LYS B 79 17.46 -13.03 -18.46
C LYS B 79 16.60 -13.85 -19.42
N ASP B 80 16.06 -14.96 -18.92
CA ASP B 80 15.40 -15.94 -19.79
C ASP B 80 13.89 -15.81 -19.84
N ILE B 81 13.29 -14.86 -19.12
CA ILE B 81 11.84 -14.71 -19.07
C ILE B 81 11.27 -14.47 -20.46
N THR B 82 10.23 -15.21 -20.82
CA THR B 82 9.51 -15.00 -22.08
C THR B 82 8.10 -14.41 -21.88
N HIS B 83 7.47 -14.67 -20.74
CA HIS B 83 6.06 -14.25 -20.51
C HIS B 83 5.91 -13.80 -19.06
N ILE B 84 5.30 -12.64 -18.87
CA ILE B 84 4.98 -12.12 -17.55
C ILE B 84 3.48 -12.33 -17.28
N PHE B 85 3.14 -12.87 -16.10
CA PHE B 85 1.74 -13.01 -15.63
C PHE B 85 1.61 -12.16 -14.37
N TYR B 86 1.01 -10.98 -14.49
CA TYR B 86 0.85 -10.07 -13.34
C TYR B 86 -0.49 -10.35 -12.69
N VAL B 87 -0.44 -11.06 -11.56
CA VAL B 87 -1.62 -11.52 -10.84
C VAL B 87 -1.59 -11.10 -9.37
N SER B 88 -1.30 -9.82 -9.17
CA SER B 88 -1.07 -9.28 -7.85
CA SER B 88 -1.04 -9.26 -7.84
C SER B 88 -1.81 -7.96 -7.65
N TRP B 89 -1.97 -7.59 -6.39
CA TRP B 89 -2.36 -6.22 -6.00
C TRP B 89 -1.87 -6.03 -4.58
N ILE B 90 -1.89 -4.79 -4.11
CA ILE B 90 -1.28 -4.47 -2.80
CA ILE B 90 -1.28 -4.47 -2.81
C ILE B 90 -2.20 -4.83 -1.64
N GLY B 91 -3.50 -4.99 -1.89
CA GLY B 91 -4.46 -5.25 -0.82
C GLY B 91 -5.27 -4.06 -0.36
N SER B 92 -5.06 -2.97 -1.07
CA SER B 92 -5.90 -1.79 -0.97
C SER B 92 -6.15 -1.25 -2.36
N GLU B 93 -7.06 -0.29 -2.46
CA GLU B 93 -7.41 0.31 -3.73
C GLU B 93 -6.54 1.51 -4.11
N ASP B 94 -5.47 1.75 -3.36
CA ASP B 94 -4.54 2.85 -3.61
C ASP B 94 -3.99 2.77 -5.04
N CYS B 95 -4.24 3.78 -5.85
CA CYS B 95 -3.90 3.69 -7.27
C CYS B 95 -2.38 3.76 -7.45
N GLN B 96 -1.73 4.66 -6.73
CA GLN B 96 -0.30 4.83 -6.95
CA GLN B 96 -0.29 4.88 -6.90
C GLN B 96 0.52 3.65 -6.48
N THR B 97 0.20 3.04 -5.31
N THR B 97 0.19 3.09 -5.33
CA THR B 97 0.98 1.89 -4.87
CA THR B 97 0.95 1.99 -4.80
C THR B 97 0.82 0.72 -5.79
C THR B 97 0.79 0.72 -5.70
N ASN B 98 -0.42 0.47 -6.21
CA ASN B 98 -0.62 -0.61 -7.20
C ASN B 98 0.13 -0.36 -8.51
N ALA B 99 0.10 0.88 -8.99
CA ALA B 99 0.78 1.21 -10.26
C ALA B 99 2.28 1.05 -10.12
N THR B 100 2.83 1.47 -8.99
CA THR B 100 4.26 1.33 -8.72
C THR B 100 4.69 -0.15 -8.78
N MET B 101 3.91 -1.05 -8.20
CA MET B 101 4.28 -2.47 -8.24
C MET B 101 4.44 -2.96 -9.67
N PHE B 102 3.47 -2.64 -10.52
CA PHE B 102 3.48 -3.16 -11.90
C PHE B 102 4.60 -2.51 -12.71
N LYS B 103 4.76 -1.20 -12.58
CA LYS B 103 5.85 -0.51 -13.26
CA LYS B 103 5.86 -0.48 -13.23
C LYS B 103 7.21 -1.08 -12.82
N ASN B 104 7.36 -1.44 -11.54
CA ASN B 104 8.63 -2.01 -11.08
C ASN B 104 8.94 -3.34 -11.73
N ILE B 105 7.93 -4.17 -11.94
CA ILE B 105 8.11 -5.43 -12.65
C ILE B 105 8.62 -5.15 -14.06
N LEU B 106 7.93 -4.26 -14.76
CA LEU B 106 8.27 -4.05 -16.18
C LEU B 106 9.63 -3.40 -16.32
N ASN B 107 9.94 -2.44 -15.45
CA ASN B 107 11.22 -1.77 -15.56
C ASN B 107 12.40 -2.65 -15.19
N SER B 108 12.18 -3.68 -14.38
CA SER B 108 13.23 -4.63 -14.03
CA SER B 108 13.20 -4.65 -14.01
C SER B 108 13.42 -5.71 -15.08
N VAL B 109 12.32 -6.11 -15.77
CA VAL B 109 12.38 -7.24 -16.70
C VAL B 109 12.62 -6.84 -18.16
N ILE B 110 11.92 -5.81 -18.62
CA ILE B 110 12.04 -5.45 -20.02
C ILE B 110 13.48 -5.18 -20.50
N PRO B 111 14.32 -4.48 -19.71
CA PRO B 111 15.67 -4.24 -20.19
C PRO B 111 16.60 -5.45 -20.11
N ASN B 112 16.18 -6.51 -19.42
CA ASN B 112 17.04 -7.66 -19.15
C ASN B 112 16.64 -8.98 -19.81
N ALA B 113 15.36 -9.15 -20.14
CA ALA B 113 14.89 -10.40 -20.74
C ALA B 113 14.81 -10.24 -22.27
N SER B 114 15.86 -10.63 -22.98
CA SER B 114 15.93 -10.34 -24.43
C SER B 114 14.90 -11.08 -25.24
N ASN B 115 14.43 -12.20 -24.73
CA ASN B 115 13.42 -13.01 -25.44
CA ASN B 115 13.43 -13.00 -25.42
C ASN B 115 12.01 -12.78 -24.90
N LEU B 116 11.78 -11.67 -24.19
CA LEU B 116 10.43 -11.38 -23.67
C LEU B 116 9.45 -11.20 -24.83
N GLN B 117 8.29 -11.85 -24.73
CA GLN B 117 7.25 -11.85 -25.77
CA GLN B 117 7.28 -11.78 -25.78
C GLN B 117 5.99 -11.09 -25.38
N HIS B 118 5.53 -11.31 -24.16
CA HIS B 118 4.14 -11.01 -23.79
C HIS B 118 3.98 -10.65 -22.33
N VAL B 119 3.08 -9.70 -22.04
CA VAL B 119 2.71 -9.34 -20.71
C VAL B 119 1.20 -9.54 -20.52
N CYS B 120 0.84 -10.42 -19.62
N CYS B 120 0.82 -10.47 -19.64
CA CYS B 120 -0.53 -10.66 -19.22
CA CYS B 120 -0.58 -10.70 -19.22
C CYS B 120 -0.83 -9.88 -17.94
C CYS B 120 -0.84 -9.89 -17.96
N LEU B 121 -1.83 -9.00 -17.99
CA LEU B 121 -2.28 -8.21 -16.83
C LEU B 121 -3.64 -8.73 -16.38
N GLN B 122 -3.75 -9.13 -15.10
CA GLN B 122 -5.03 -9.49 -14.53
C GLN B 122 -5.64 -8.34 -13.75
N THR B 123 -6.81 -7.90 -14.17
CA THR B 123 -7.65 -6.96 -13.42
C THR B 123 -8.93 -7.69 -13.04
N GLY B 124 -10.11 -7.23 -13.42
CA GLY B 124 -11.36 -7.83 -12.95
C GLY B 124 -12.56 -7.10 -13.40
N ILE B 125 -13.71 -7.69 -13.08
CA ILE B 125 -14.99 -7.08 -13.42
C ILE B 125 -15.29 -5.74 -12.72
N LYS B 126 -14.59 -5.37 -11.63
CA LYS B 126 -14.74 -4.04 -11.03
C LYS B 126 -14.52 -2.93 -12.08
N HIS B 127 -13.79 -3.22 -13.16
CA HIS B 127 -13.73 -2.29 -14.30
C HIS B 127 -15.08 -1.76 -14.72
N TYR B 128 -16.12 -2.59 -14.64
CA TYR B 128 -17.42 -2.24 -15.17
C TYR B 128 -18.40 -1.55 -14.20
N PHE B 129 -18.12 -1.68 -12.90
CA PHE B 129 -19.05 -1.18 -11.90
C PHE B 129 -18.49 -0.33 -10.79
N GLY B 130 -17.19 -0.25 -10.64
N GLY B 130 -17.18 -0.46 -10.50
CA GLY B 130 -16.63 0.77 -9.76
CA GLY B 130 -16.58 0.18 -9.32
C GLY B 130 -15.83 0.12 -8.68
C GLY B 130 -16.70 1.69 -9.34
N ILE B 131 -15.58 0.84 -7.60
N ILE B 131 -17.20 2.24 -8.24
CA ILE B 131 -14.63 0.35 -6.62
CA ILE B 131 -17.28 3.67 -8.05
C ILE B 131 -15.33 0.10 -5.30
C ILE B 131 -16.74 3.97 -6.67
N PHE B 132 -14.61 -0.52 -4.36
CA PHE B 132 -15.17 -0.90 -3.06
C PHE B 132 -15.19 0.27 -2.08
N GLU B 133 -14.32 1.26 -2.25
CA GLU B 133 -14.22 2.36 -1.25
C GLU B 133 -15.58 2.84 -0.74
N VAL B 139 -22.33 6.13 -11.43
CA VAL B 139 -23.31 5.08 -11.87
C VAL B 139 -22.65 3.92 -12.64
N PRO B 140 -22.74 2.68 -12.13
CA PRO B 140 -22.14 1.55 -12.87
C PRO B 140 -22.76 1.30 -14.26
N HIS B 141 -22.02 0.58 -15.11
CA HIS B 141 -22.63 0.06 -16.35
C HIS B 141 -23.69 -0.97 -16.02
N ASP B 142 -24.65 -1.07 -16.91
CA ASP B 142 -25.54 -2.22 -16.89
C ASP B 142 -24.80 -3.40 -17.50
N SER B 143 -25.32 -4.58 -17.21
CA SER B 143 -24.74 -5.87 -17.62
C SER B 143 -25.69 -6.57 -18.64
N PRO B 144 -25.32 -7.70 -19.26
CA PRO B 144 -24.03 -8.39 -19.20
C PRO B 144 -22.88 -7.54 -19.63
N PHE B 145 -21.79 -7.58 -18.84
CA PHE B 145 -20.65 -6.73 -19.14
C PHE B 145 -19.85 -7.29 -20.34
N THR B 146 -19.60 -6.43 -21.30
CA THR B 146 -18.81 -6.73 -22.50
C THR B 146 -17.60 -5.83 -22.55
N GLU B 147 -16.57 -6.31 -23.23
CA GLU B 147 -15.25 -5.66 -23.27
C GLU B 147 -15.23 -4.39 -24.10
N ASP B 148 -16.30 -4.09 -24.78
CA ASP B 148 -16.38 -2.77 -25.45
C ASP B 148 -16.86 -1.63 -24.52
N LEU B 149 -17.17 -1.89 -23.24
CA LEU B 149 -17.72 -0.81 -22.36
C LEU B 149 -16.62 0.17 -21.93
N PRO B 150 -16.93 1.48 -21.97
CA PRO B 150 -15.89 2.46 -21.65
C PRO B 150 -15.60 2.56 -20.15
N ARG B 151 -14.42 3.08 -19.82
CA ARG B 151 -14.08 3.29 -18.41
C ARG B 151 -15.09 4.21 -17.72
N LEU B 152 -15.37 3.90 -16.47
CA LEU B 152 -16.15 4.81 -15.62
C LEU B 152 -15.24 5.96 -15.14
N ASN B 153 -15.86 7.10 -14.84
CA ASN B 153 -15.12 8.28 -14.36
C ASN B 153 -14.92 8.20 -12.84
N VAL B 154 -14.02 7.31 -12.44
CA VAL B 154 -13.76 7.01 -11.03
C VAL B 154 -12.27 6.62 -10.94
N PRO B 155 -11.64 6.72 -9.73
N PRO B 155 -11.55 7.06 -9.89
CA PRO B 155 -10.23 6.34 -9.54
CA PRO B 155 -10.26 6.42 -9.72
C PRO B 155 -10.00 4.83 -9.29
C PRO B 155 -10.52 4.92 -9.66
N ASN B 156 -10.10 4.06 -10.37
N ASN B 156 -9.74 4.15 -10.41
CA ASN B 156 -9.85 2.63 -10.33
CA ASN B 156 -9.78 2.72 -10.35
C ASN B 156 -8.41 2.31 -10.72
C ASN B 156 -8.39 2.30 -10.73
N PHE B 157 -7.67 1.66 -9.81
CA PHE B 157 -6.28 1.32 -10.13
C PHE B 157 -6.11 0.46 -11.39
N TYR B 158 -7.16 -0.24 -11.79
CA TYR B 158 -7.13 -1.01 -13.05
C TYR B 158 -6.79 -0.12 -14.23
N HIS B 159 -7.27 1.13 -14.21
CA HIS B 159 -7.04 2.06 -15.30
C HIS B 159 -5.55 2.38 -15.39
N ASP B 160 -4.93 2.57 -14.24
CA ASP B 160 -3.50 2.91 -14.21
C ASP B 160 -2.64 1.72 -14.65
N LEU B 161 -3.02 0.53 -14.24
CA LEU B 161 -2.29 -0.68 -14.65
C LEU B 161 -2.41 -0.88 -16.17
N GLU B 162 -3.60 -0.73 -16.72
CA GLU B 162 -3.73 -0.81 -18.18
C GLU B 162 -2.90 0.21 -18.91
N ASP B 163 -2.91 1.46 -18.43
CA ASP B 163 -2.17 2.51 -19.10
C ASP B 163 -0.67 2.22 -19.15
N ILE B 164 -0.12 1.68 -18.06
CA ILE B 164 1.28 1.27 -18.06
C ILE B 164 1.52 0.11 -19.03
N LEU B 165 0.60 -0.86 -19.02
CA LEU B 165 0.71 -2.02 -19.92
C LEU B 165 0.81 -1.56 -21.37
N TYR B 166 -0.12 -0.71 -21.77
CA TYR B 166 -0.15 -0.28 -23.18
C TYR B 166 1.09 0.51 -23.55
N GLU B 167 1.52 1.41 -22.67
CA GLU B 167 2.69 2.22 -22.96
C GLU B 167 3.97 1.40 -23.07
N GLU B 168 4.20 0.52 -22.10
CA GLU B 168 5.45 -0.22 -22.06
C GLU B 168 5.53 -1.31 -23.09
N THR B 169 4.41 -1.95 -23.38
CA THR B 169 4.42 -2.97 -24.43
C THR B 169 4.52 -2.36 -25.81
N GLY B 170 3.86 -1.22 -26.04
CA GLY B 170 3.94 -0.53 -27.32
C GLY B 170 5.36 -0.05 -27.64
N LYS B 171 6.05 0.51 -26.65
CA LYS B 171 7.43 1.03 -26.86
C LYS B 171 8.42 -0.09 -27.17
N ASN B 172 8.14 -1.30 -26.67
CA ASN B 172 9.10 -2.40 -26.69
C ASN B 172 8.72 -3.57 -27.59
N ASN B 173 7.72 -3.36 -28.45
CA ASN B 173 7.26 -4.38 -29.39
C ASN B 173 6.90 -5.73 -28.72
N LEU B 174 6.20 -5.62 -27.59
CA LEU B 174 5.67 -6.79 -26.88
C LEU B 174 4.18 -6.86 -27.11
N THR B 175 3.61 -8.06 -27.04
CA THR B 175 2.16 -8.20 -27.03
C THR B 175 1.63 -8.12 -25.60
N TRP B 176 0.33 -7.85 -25.47
CA TRP B 176 -0.33 -7.70 -24.16
C TRP B 176 -1.66 -8.39 -24.15
N SER B 177 -2.12 -8.68 -22.95
CA SER B 177 -3.51 -9.07 -22.74
C SER B 177 -3.98 -8.54 -21.40
N VAL B 178 -5.24 -8.16 -21.34
CA VAL B 178 -5.88 -7.77 -20.10
C VAL B 178 -6.98 -8.80 -19.82
N HIS B 179 -6.95 -9.42 -18.64
CA HIS B 179 -7.91 -10.43 -18.27
C HIS B 179 -8.76 -9.87 -17.15
N ARG B 180 -10.08 -9.93 -17.30
CA ARG B 180 -11.00 -9.44 -16.29
C ARG B 180 -11.82 -10.59 -15.73
N PRO B 181 -11.26 -11.36 -14.81
CA PRO B 181 -12.03 -12.44 -14.22
C PRO B 181 -13.20 -11.96 -13.40
N ALA B 182 -14.22 -12.82 -13.38
CA ALA B 182 -15.29 -12.77 -12.38
C ALA B 182 -14.74 -13.15 -10.99
N LEU B 183 -15.61 -13.16 -10.01
CA LEU B 183 -15.32 -13.70 -8.68
C LEU B 183 -14.61 -15.02 -8.81
N VAL B 184 -13.47 -15.22 -8.13
CA VAL B 184 -12.68 -16.43 -8.34
C VAL B 184 -13.00 -17.51 -7.33
N PHE B 185 -13.24 -18.74 -7.81
CA PHE B 185 -13.31 -19.95 -6.98
C PHE B 185 -11.92 -20.59 -7.02
N GLY B 186 -11.21 -20.55 -5.91
CA GLY B 186 -9.87 -21.09 -5.82
C GLY B 186 -9.54 -21.63 -4.44
N PHE B 187 -8.26 -21.94 -4.24
CA PHE B 187 -7.82 -22.74 -3.09
C PHE B 187 -6.75 -22.11 -2.22
N SER B 188 -6.15 -20.97 -2.63
CA SER B 188 -5.04 -20.43 -1.86
C SER B 188 -5.51 -19.94 -0.49
N PRO B 189 -4.79 -20.27 0.56
CA PRO B 189 -5.09 -19.72 1.88
C PRO B 189 -4.37 -18.42 2.17
N CYS B 190 -3.62 -17.91 1.21
CA CYS B 190 -2.82 -16.68 1.33
C CYS B 190 -3.45 -15.55 0.58
N SER B 191 -4.64 -15.74 -0.01
CA SER B 191 -5.26 -14.72 -0.84
C SER B 191 -5.92 -13.71 0.08
N MET B 192 -6.04 -12.48 -0.41
CA MET B 192 -6.79 -11.45 0.30
C MET B 192 -8.27 -11.47 -0.06
N MET B 193 -8.68 -12.27 -1.04
CA MET B 193 -10.08 -12.31 -1.49
C MET B 193 -10.42 -13.69 -2.03
N ASN B 194 -10.61 -14.65 -1.13
CA ASN B 194 -10.95 -16.02 -1.53
C ASN B 194 -12.29 -16.39 -0.92
N ILE B 195 -13.33 -16.30 -1.75
CA ILE B 195 -14.67 -16.53 -1.28
C ILE B 195 -14.91 -17.96 -0.81
N VAL B 196 -14.37 -18.96 -1.52
CA VAL B 196 -14.59 -20.34 -1.11
C VAL B 196 -13.93 -20.60 0.26
N SER B 197 -12.68 -20.17 0.42
CA SER B 197 -12.01 -20.36 1.70
CA SER B 197 -11.99 -20.31 1.68
C SER B 197 -12.76 -19.66 2.82
N THR B 198 -13.21 -18.42 2.57
CA THR B 198 -13.95 -17.64 3.56
C THR B 198 -15.21 -18.39 4.03
N LEU B 199 -15.98 -18.92 3.06
CA LEU B 199 -17.20 -19.62 3.40
C LEU B 199 -16.90 -20.98 4.05
N CYS B 200 -15.83 -21.66 3.64
CA CYS B 200 -15.42 -22.89 4.32
C CYS B 200 -15.01 -22.65 5.78
N VAL B 201 -14.34 -21.54 6.03
CA VAL B 201 -13.92 -21.20 7.37
C VAL B 201 -15.17 -20.91 8.23
N TYR B 202 -16.10 -20.12 7.68
CA TYR B 202 -17.37 -19.86 8.37
C TYR B 202 -18.11 -21.17 8.67
N ALA B 203 -18.24 -22.04 7.68
CA ALA B 203 -18.92 -23.33 7.90
C ALA B 203 -18.24 -24.18 8.98
N THR B 204 -16.91 -24.16 8.94
CA THR B 204 -16.09 -24.91 9.92
C THR B 204 -16.30 -24.39 11.32
N ILE B 205 -16.33 -23.07 11.46
CA ILE B 205 -16.56 -22.47 12.79
C ILE B 205 -17.98 -22.79 13.28
N CYS B 206 -18.98 -22.68 12.40
CA CYS B 206 -20.36 -23.07 12.77
C CYS B 206 -20.41 -24.51 13.24
N LYS B 207 -19.77 -25.40 12.49
CA LYS B 207 -19.74 -26.82 12.86
C LYS B 207 -19.07 -27.04 14.22
N HIS B 208 -17.93 -26.39 14.44
CA HIS B 208 -17.19 -26.46 15.70
C HIS B 208 -18.03 -26.01 16.90
N GLU B 209 -18.87 -25.01 16.68
CA GLU B 209 -19.72 -24.43 17.73
C GLU B 209 -21.14 -25.02 17.81
N ASN B 210 -21.39 -26.10 17.07
CA ASN B 210 -22.72 -26.73 17.02
C ASN B 210 -23.84 -25.75 16.66
N LYS B 211 -23.55 -24.92 15.67
CA LYS B 211 -24.50 -23.94 15.17
C LYS B 211 -24.79 -24.24 13.69
N ALA B 212 -25.94 -23.79 13.24
CA ALA B 212 -26.34 -23.95 11.82
C ALA B 212 -25.55 -23.00 10.93
N LEU B 213 -25.51 -23.35 9.66
CA LEU B 213 -24.94 -22.51 8.61
C LEU B 213 -25.93 -21.42 8.25
N VAL B 214 -25.86 -20.31 8.97
CA VAL B 214 -26.83 -19.22 8.82
C VAL B 214 -26.39 -18.27 7.71
N TYR B 215 -27.20 -18.15 6.66
CA TYR B 215 -26.93 -17.17 5.60
C TYR B 215 -27.07 -15.73 6.13
N PRO B 216 -25.97 -14.93 6.03
CA PRO B 216 -26.03 -13.58 6.61
C PRO B 216 -26.38 -12.49 5.59
N GLY B 217 -26.56 -12.87 4.32
CA GLY B 217 -26.60 -11.91 3.22
C GLY B 217 -27.94 -11.26 2.94
N SER B 218 -27.96 -10.47 1.88
CA SER B 218 -29.19 -9.79 1.44
C SER B 218 -30.14 -10.73 0.70
N LYS B 219 -31.40 -10.32 0.64
CA LYS B 219 -32.42 -11.02 -0.16
C LYS B 219 -31.97 -11.03 -1.62
N ASN B 220 -31.54 -9.88 -2.13
CA ASN B 220 -31.26 -9.78 -3.56
C ASN B 220 -30.13 -10.70 -3.96
N SER B 221 -29.08 -10.78 -3.16
CA SER B 221 -27.95 -11.67 -3.49
C SER B 221 -28.27 -13.14 -3.31
N TRP B 222 -29.26 -13.48 -2.48
CA TRP B 222 -29.68 -14.85 -2.34
C TRP B 222 -30.31 -15.37 -3.63
N ASN B 223 -31.13 -14.52 -4.23
CA ASN B 223 -32.03 -14.94 -5.34
C ASN B 223 -31.56 -14.55 -6.74
N CYS B 224 -30.60 -13.65 -6.85
CA CYS B 224 -30.18 -13.13 -8.18
C CYS B 224 -29.27 -14.13 -8.87
N TYR B 225 -29.11 -13.94 -10.18
CA TYR B 225 -28.05 -14.68 -10.88
C TYR B 225 -26.71 -14.08 -10.61
N ALA B 226 -25.72 -14.95 -10.37
CA ALA B 226 -24.34 -14.59 -10.16
C ALA B 226 -23.45 -15.44 -11.03
N ASP B 227 -22.20 -15.03 -11.15
CA ASP B 227 -21.20 -15.81 -11.85
C ASP B 227 -19.84 -15.75 -11.19
N ALA B 228 -18.97 -16.63 -11.63
CA ALA B 228 -17.67 -16.85 -11.02
C ALA B 228 -16.74 -17.53 -12.03
N VAL B 229 -15.51 -17.72 -11.61
CA VAL B 229 -14.53 -18.39 -12.47
C VAL B 229 -13.59 -19.20 -11.63
N ASP B 230 -13.35 -20.45 -12.04
CA ASP B 230 -12.38 -21.28 -11.35
CA ASP B 230 -12.35 -21.27 -11.38
C ASP B 230 -10.97 -20.74 -11.59
N ALA B 231 -10.14 -20.76 -10.54
CA ALA B 231 -8.76 -20.29 -10.70
C ALA B 231 -8.02 -21.00 -11.81
N ASP B 232 -8.27 -22.30 -11.99
CA ASP B 232 -7.60 -23.07 -13.04
CA ASP B 232 -7.51 -22.97 -13.02
C ASP B 232 -8.02 -22.61 -14.43
N LEU B 233 -9.29 -22.19 -14.54
CA LEU B 233 -9.77 -21.66 -15.82
C LEU B 233 -9.16 -20.31 -16.13
N VAL B 234 -9.02 -19.44 -15.12
CA VAL B 234 -8.31 -18.17 -15.33
C VAL B 234 -6.88 -18.49 -15.80
N ALA B 235 -6.22 -19.43 -15.12
CA ALA B 235 -4.88 -19.77 -15.55
C ALA B 235 -4.85 -20.23 -17.03
N GLU B 236 -5.78 -21.12 -17.39
CA GLU B 236 -5.85 -21.61 -18.77
CA GLU B 236 -5.86 -21.62 -18.77
C GLU B 236 -6.10 -20.46 -19.78
N HIS B 237 -6.95 -19.52 -19.39
CA HIS B 237 -7.27 -18.38 -20.23
C HIS B 237 -6.08 -17.42 -20.41
N GLU B 238 -5.35 -17.17 -19.31
CA GLU B 238 -4.13 -16.36 -19.39
C GLU B 238 -3.04 -17.02 -20.23
N ILE B 239 -2.91 -18.34 -20.10
CA ILE B 239 -1.94 -19.08 -20.90
C ILE B 239 -2.34 -19.07 -22.39
N TRP B 240 -3.64 -19.25 -22.65
CA TRP B 240 -4.15 -19.15 -24.02
C TRP B 240 -3.78 -17.81 -24.68
N ALA B 241 -4.02 -16.72 -23.97
CA ALA B 241 -3.68 -15.42 -24.52
C ALA B 241 -2.19 -15.20 -24.65
N ALA B 242 -1.42 -15.83 -23.79
CA ALA B 242 0.05 -15.74 -23.82
C ALA B 242 0.66 -16.46 -25.03
N VAL B 243 -0.01 -17.49 -25.52
CA VAL B 243 0.54 -18.38 -26.55
C VAL B 243 -0.16 -18.33 -27.91
N ASP B 244 -1.46 -18.06 -27.95
CA ASP B 244 -2.22 -18.12 -29.23
C ASP B 244 -2.25 -16.74 -29.89
N PRO B 245 -1.72 -16.62 -31.13
CA PRO B 245 -1.74 -15.31 -31.80
C PRO B 245 -3.13 -14.65 -31.95
N LYS B 246 -4.21 -15.44 -32.05
CA LYS B 246 -5.57 -14.87 -32.10
C LYS B 246 -6.03 -14.07 -30.93
N ALA B 247 -5.49 -14.37 -29.76
CA ALA B 247 -5.88 -13.74 -28.54
C ALA B 247 -5.02 -12.53 -28.20
N LYS B 248 -3.97 -12.26 -28.97
CA LYS B 248 -3.01 -11.24 -28.57
C LYS B 248 -3.60 -9.84 -28.68
N ASN B 249 -3.14 -8.96 -27.79
CA ASN B 249 -3.54 -7.56 -27.79
C ASN B 249 -5.05 -7.39 -27.68
N GLN B 250 -5.61 -8.09 -26.71
CA GLN B 250 -7.05 -8.07 -26.45
C GLN B 250 -7.32 -7.92 -24.96
N VAL B 251 -8.39 -7.21 -24.66
CA VAL B 251 -9.07 -7.21 -23.38
C VAL B 251 -10.08 -8.35 -23.38
N LEU B 252 -10.08 -9.18 -22.34
CA LEU B 252 -10.89 -10.41 -22.32
C LEU B 252 -11.46 -10.67 -20.95
N ASN B 253 -12.78 -10.79 -20.86
CA ASN B 253 -13.43 -11.30 -19.66
C ASN B 253 -13.09 -12.77 -19.46
N CYS B 254 -13.20 -13.26 -18.23
CA CYS B 254 -13.02 -14.69 -17.97
C CYS B 254 -13.98 -15.16 -16.87
N ASN B 255 -14.95 -15.99 -17.24
CA ASN B 255 -15.80 -16.65 -16.29
C ASN B 255 -16.08 -18.08 -16.70
N ASN B 256 -16.74 -18.82 -15.83
CA ASN B 256 -16.97 -20.26 -16.02
C ASN B 256 -17.92 -20.60 -17.14
N GLY B 257 -18.67 -19.62 -17.65
CA GLY B 257 -19.56 -19.82 -18.80
C GLY B 257 -21.01 -20.04 -18.46
N ASP B 258 -21.32 -20.10 -17.18
CA ASP B 258 -22.66 -20.39 -16.67
C ASP B 258 -22.98 -19.35 -15.59
N VAL B 259 -24.16 -19.50 -15.00
CA VAL B 259 -24.58 -18.68 -13.84
C VAL B 259 -25.02 -19.60 -12.74
N PHE B 260 -25.09 -19.06 -11.52
CA PHE B 260 -25.52 -19.80 -10.35
C PHE B 260 -26.30 -18.83 -9.46
N LYS B 261 -26.89 -19.34 -8.38
CA LYS B 261 -27.40 -18.50 -7.30
C LYS B 261 -26.78 -18.90 -5.99
N TRP B 262 -26.53 -17.89 -5.16
CA TRP B 262 -26.01 -18.15 -3.80
C TRP B 262 -26.96 -19.03 -3.01
N LYS B 263 -28.27 -18.93 -3.26
CA LYS B 263 -29.22 -19.84 -2.59
C LYS B 263 -28.85 -21.32 -2.79
N HIS B 264 -28.46 -21.66 -4.02
CA HIS B 264 -28.11 -23.05 -4.34
C HIS B 264 -26.74 -23.45 -3.83
N ILE B 265 -25.79 -22.54 -3.91
CA ILE B 265 -24.45 -22.76 -3.33
C ILE B 265 -24.57 -23.04 -1.84
N TRP B 266 -25.42 -22.26 -1.17
CA TRP B 266 -25.53 -22.34 0.31
C TRP B 266 -25.94 -23.74 0.74
N LYS B 267 -26.91 -24.31 0.04
CA LYS B 267 -27.34 -25.69 0.30
C LYS B 267 -26.20 -26.69 0.13
N LYS B 268 -25.44 -26.52 -0.94
N LYS B 268 -25.43 -26.56 -0.96
CA LYS B 268 -24.31 -27.39 -1.17
CA LYS B 268 -24.28 -27.46 -1.15
C LYS B 268 -23.22 -27.26 -0.08
C LYS B 268 -23.21 -27.27 -0.08
N LEU B 269 -22.96 -26.03 0.33
CA LEU B 269 -21.98 -25.75 1.41
C LEU B 269 -22.37 -26.45 2.71
N ALA B 270 -23.64 -26.35 3.08
CA ALA B 270 -24.12 -27.04 4.29
C ALA B 270 -23.98 -28.55 4.19
N GLU B 271 -24.31 -29.09 3.03
CA GLU B 271 -24.14 -30.54 2.79
C GLU B 271 -22.67 -30.99 2.88
N GLU B 272 -21.78 -30.18 2.33
CA GLU B 272 -20.35 -30.53 2.35
C GLU B 272 -19.73 -30.53 3.73
N PHE B 273 -20.32 -29.75 4.64
CA PHE B 273 -19.88 -29.72 6.03
C PHE B 273 -20.75 -30.50 7.00
N GLY B 274 -21.80 -31.16 6.51
CA GLY B 274 -22.62 -32.01 7.35
C GLY B 274 -23.35 -31.26 8.44
N ILE B 275 -23.82 -30.06 8.14
CA ILE B 275 -24.52 -29.20 9.12
C ILE B 275 -25.83 -28.66 8.55
N GLU B 276 -26.71 -28.23 9.45
CA GLU B 276 -28.01 -27.63 9.10
C GLU B 276 -27.82 -26.29 8.39
N MET B 277 -28.68 -26.05 7.41
CA MET B 277 -28.74 -24.77 6.72
C MET B 277 -29.86 -23.90 7.26
N VAL B 278 -29.58 -22.62 7.50
CA VAL B 278 -30.62 -21.60 7.62
C VAL B 278 -30.42 -20.65 6.45
N GLY B 279 -31.36 -20.68 5.50
CA GLY B 279 -31.25 -19.83 4.31
C GLY B 279 -31.75 -18.43 4.58
N TYR B 280 -31.90 -17.64 3.53
CA TYR B 280 -32.45 -16.31 3.64
C TYR B 280 -33.86 -16.36 4.22
N VAL B 281 -34.12 -15.49 5.21
CA VAL B 281 -35.42 -15.42 5.88
C VAL B 281 -36.13 -14.14 5.45
N GLU B 282 -37.33 -14.29 4.89
CA GLU B 282 -38.04 -13.17 4.31
C GLU B 282 -38.24 -12.04 5.35
N GLY B 283 -37.92 -10.80 4.98
CA GLY B 283 -38.04 -9.65 5.88
C GLY B 283 -36.76 -9.27 6.62
N LYS B 284 -35.75 -10.13 6.63
CA LYS B 284 -34.51 -9.84 7.33
C LYS B 284 -33.57 -9.01 6.46
N GLU B 285 -32.88 -8.09 7.11
CA GLU B 285 -31.79 -7.34 6.49
C GLU B 285 -30.51 -8.15 6.59
N GLN B 286 -29.62 -7.91 5.65
CA GLN B 286 -28.26 -8.41 5.70
C GLN B 286 -27.61 -8.05 7.03
N VAL B 287 -26.87 -8.99 7.58
CA VAL B 287 -26.00 -8.72 8.74
C VAL B 287 -24.56 -8.90 8.29
N SER B 288 -23.62 -8.30 9.03
CA SER B 288 -22.20 -8.36 8.69
C SER B 288 -21.56 -9.67 9.16
N LEU B 289 -21.05 -10.46 8.21
CA LEU B 289 -20.28 -11.65 8.55
C LEU B 289 -18.95 -11.26 9.22
N ALA B 290 -18.36 -10.14 8.81
CA ALA B 290 -17.14 -9.64 9.47
C ALA B 290 -17.37 -9.39 10.95
N GLU B 291 -18.52 -8.82 11.29
CA GLU B 291 -18.87 -8.63 12.70
C GLU B 291 -19.12 -9.94 13.44
N LEU B 292 -19.86 -10.85 12.80
CA LEU B 292 -20.11 -12.17 13.38
C LEU B 292 -18.81 -12.90 13.75
N MET B 293 -17.76 -12.69 12.95
CA MET B 293 -16.52 -13.42 13.11
C MET B 293 -15.41 -12.64 13.79
N LYS B 294 -15.67 -11.40 14.19
CA LYS B 294 -14.55 -10.53 14.63
C LYS B 294 -13.77 -11.05 15.83
N ASP B 295 -14.40 -11.86 16.68
CA ASP B 295 -13.70 -12.36 17.88
C ASP B 295 -13.29 -13.82 17.78
N LYS B 296 -13.24 -14.37 16.57
CA LYS B 296 -13.01 -15.82 16.39
C LYS B 296 -11.56 -16.24 16.16
N ASP B 297 -10.58 -15.35 16.32
CA ASP B 297 -9.18 -15.71 16.03
C ASP B 297 -8.73 -16.92 16.84
N GLN B 298 -8.99 -16.93 18.15
CA GLN B 298 -8.57 -18.07 18.99
C GLN B 298 -9.35 -19.36 18.72
N VAL B 299 -10.62 -19.25 18.35
CA VAL B 299 -11.40 -20.40 17.95
C VAL B 299 -10.78 -21.04 16.69
N TRP B 300 -10.39 -20.21 15.71
CA TRP B 300 -9.72 -20.72 14.52
C TRP B 300 -8.39 -21.40 14.89
N ASP B 301 -7.60 -20.79 15.77
CA ASP B 301 -6.34 -21.41 16.19
C ASP B 301 -6.55 -22.84 16.79
N GLU B 302 -7.60 -23.00 17.57
CA GLU B 302 -7.94 -24.33 18.11
C GLU B 302 -8.35 -25.34 17.06
N ILE B 303 -9.11 -24.88 16.07
CA ILE B 303 -9.55 -25.73 14.99
C ILE B 303 -8.34 -26.21 14.18
N VAL B 304 -7.43 -25.29 13.87
CA VAL B 304 -6.19 -25.64 13.17
C VAL B 304 -5.44 -26.74 13.92
N LYS B 305 -5.31 -26.57 15.22
CA LYS B 305 -4.56 -27.55 16.02
C LYS B 305 -5.23 -28.95 16.03
N LYS B 306 -6.51 -28.93 16.41
CA LYS B 306 -7.27 -30.20 16.52
C LYS B 306 -7.35 -31.01 15.21
N ASN B 307 -7.43 -30.30 14.08
CA ASN B 307 -7.49 -30.96 12.78
C ASN B 307 -6.11 -31.09 12.12
N ASN B 308 -5.04 -30.67 12.82
CA ASN B 308 -3.69 -30.69 12.29
C ASN B 308 -3.66 -30.05 10.90
N LEU B 309 -4.21 -28.86 10.80
CA LEU B 309 -4.24 -28.12 9.54
C LEU B 309 -2.93 -27.38 9.37
N VAL B 310 -2.65 -27.02 8.15
CA VAL B 310 -1.60 -26.06 7.88
C VAL B 310 -1.92 -24.80 8.72
N PRO B 311 -0.93 -24.28 9.50
CA PRO B 311 -1.32 -23.15 10.36
C PRO B 311 -1.60 -21.86 9.57
N THR B 312 -2.77 -21.27 9.81
CA THR B 312 -3.19 -20.04 9.15
C THR B 312 -3.79 -19.15 10.21
N LYS B 313 -3.63 -17.84 10.03
CA LYS B 313 -4.34 -16.86 10.86
C LYS B 313 -5.67 -16.60 10.21
N LEU B 314 -6.70 -16.45 11.05
CA LEU B 314 -8.07 -16.28 10.58
C LEU B 314 -8.21 -15.15 9.54
N LYS B 315 -7.64 -13.98 9.80
CA LYS B 315 -7.83 -12.84 8.88
C LYS B 315 -7.06 -12.99 7.59
N GLU B 316 -6.15 -13.96 7.51
CA GLU B 316 -5.41 -14.22 6.31
C GLU B 316 -6.07 -15.29 5.44
N ILE B 317 -6.56 -16.37 6.04
CA ILE B 317 -7.28 -17.40 5.24
C ILE B 317 -8.68 -16.97 4.81
N ALA B 318 -9.33 -16.14 5.63
CA ALA B 318 -10.71 -15.72 5.36
C ALA B 318 -10.77 -14.23 5.16
N ALA B 319 -11.69 -13.79 4.31
CA ALA B 319 -11.95 -12.42 4.00
C ALA B 319 -13.45 -12.19 4.19
N PHE B 320 -13.89 -12.12 5.44
CA PHE B 320 -15.33 -12.02 5.71
C PHE B 320 -15.92 -10.73 5.13
N TRP B 321 -15.17 -9.65 5.15
CA TRP B 321 -15.56 -8.40 4.49
C TRP B 321 -15.93 -8.57 2.99
N PHE B 322 -15.22 -9.48 2.32
CA PHE B 322 -15.38 -9.72 0.91
C PHE B 322 -16.65 -10.50 0.67
N ALA B 323 -16.92 -11.46 1.55
CA ALA B 323 -18.24 -12.16 1.48
C ALA B 323 -19.36 -11.16 1.68
N ASP B 324 -19.20 -10.21 2.60
CA ASP B 324 -20.24 -9.21 2.81
C ASP B 324 -20.53 -8.39 1.53
N ILE B 325 -19.50 -8.05 0.77
CA ILE B 325 -19.69 -7.37 -0.52
C ILE B 325 -20.41 -8.29 -1.53
N ALA B 326 -19.97 -9.53 -1.60
CA ALA B 326 -20.64 -10.50 -2.49
C ALA B 326 -22.13 -10.61 -2.19
N PHE B 327 -22.45 -10.57 -0.91
CA PHE B 327 -23.82 -10.76 -0.44
C PHE B 327 -24.67 -9.50 -0.43
N CYS B 328 -24.16 -8.40 -0.96
CA CYS B 328 -25.01 -7.28 -1.31
C CYS B 328 -24.88 -6.87 -2.76
N SER B 329 -24.31 -7.75 -3.59
CA SER B 329 -24.11 -7.47 -4.99
C SER B 329 -25.19 -8.15 -5.84
N GLU B 330 -25.48 -7.52 -6.97
CA GLU B 330 -26.44 -8.04 -7.96
CA GLU B 330 -26.38 -8.12 -7.99
C GLU B 330 -26.13 -7.43 -9.32
N ASN B 331 -26.57 -8.07 -10.40
CA ASN B 331 -26.50 -7.49 -11.74
C ASN B 331 -25.08 -7.36 -12.24
N LEU B 332 -24.24 -8.33 -11.89
CA LEU B 332 -22.82 -8.25 -12.25
C LEU B 332 -22.37 -9.32 -13.25
N ILE B 333 -23.31 -9.96 -13.95
CA ILE B 333 -22.93 -10.98 -14.92
C ILE B 333 -22.03 -10.39 -16.04
N SER B 334 -20.99 -11.15 -16.41
CA SER B 334 -20.11 -10.77 -17.51
C SER B 334 -20.25 -11.76 -18.65
N SER B 335 -19.98 -11.28 -19.86
CA SER B 335 -20.09 -12.12 -21.07
C SER B 335 -18.77 -12.78 -21.42
N MET B 336 -18.85 -14.05 -21.82
CA MET B 336 -17.72 -14.79 -22.41
C MET B 336 -17.77 -14.87 -23.94
N ASN B 337 -18.69 -14.15 -24.57
CA ASN B 337 -18.81 -14.29 -26.02
C ASN B 337 -17.53 -13.92 -26.75
N LYS B 338 -16.83 -12.86 -26.35
CA LYS B 338 -15.65 -12.49 -27.09
C LYS B 338 -14.60 -13.59 -27.08
N SER B 339 -14.35 -14.18 -25.91
CA SER B 339 -13.37 -15.24 -25.85
C SER B 339 -13.81 -16.43 -26.67
N LYS B 340 -15.10 -16.80 -26.58
CA LYS B 340 -15.60 -17.95 -27.34
C LYS B 340 -15.50 -17.70 -28.83
N GLU B 341 -15.81 -16.49 -29.27
CA GLU B 341 -15.69 -16.14 -30.70
CA GLU B 341 -15.69 -16.16 -30.69
C GLU B 341 -14.25 -16.17 -31.21
N LEU B 342 -13.28 -15.94 -30.33
CA LEU B 342 -11.86 -16.08 -30.65
C LEU B 342 -11.33 -17.49 -30.51
N GLY B 343 -12.18 -18.44 -30.11
CA GLY B 343 -11.84 -19.85 -30.08
C GLY B 343 -11.56 -20.47 -28.73
N PHE B 344 -11.68 -19.70 -27.63
CA PHE B 344 -11.49 -20.25 -26.29
C PHE B 344 -12.81 -20.84 -25.77
N LEU B 345 -12.86 -22.17 -25.68
CA LEU B 345 -14.14 -22.85 -25.29
C LEU B 345 -14.05 -23.48 -23.91
N GLY B 346 -13.02 -23.12 -23.13
CA GLY B 346 -12.95 -23.64 -21.77
C GLY B 346 -14.13 -23.14 -20.93
N PHE B 347 -14.57 -24.02 -20.05
CA PHE B 347 -15.72 -23.73 -19.18
C PHE B 347 -15.62 -24.57 -17.94
N ARG B 348 -16.41 -24.21 -16.94
CA ARG B 348 -16.64 -25.07 -15.80
C ARG B 348 -18.10 -25.00 -15.39
N ASN B 349 -18.60 -26.10 -14.83
CA ASN B 349 -19.88 -26.10 -14.12
C ASN B 349 -19.59 -25.47 -12.77
N SER B 350 -20.15 -24.29 -12.50
CA SER B 350 -19.82 -23.52 -11.29
C SER B 350 -20.22 -24.21 -10.01
N MET B 351 -21.30 -24.97 -10.02
CA MET B 351 -21.68 -25.74 -8.82
C MET B 351 -20.64 -26.80 -8.53
N LYS B 352 -20.12 -27.43 -9.59
N LYS B 352 -20.33 -27.62 -9.52
CA LYS B 352 -19.00 -28.40 -9.45
CA LYS B 352 -19.39 -28.70 -9.28
C LYS B 352 -17.65 -27.75 -9.11
C LYS B 352 -18.04 -28.10 -8.83
N SER B 353 -17.42 -26.56 -9.65
N SER B 353 -17.65 -26.98 -9.44
CA SER B 353 -16.20 -25.80 -9.37
CA SER B 353 -16.39 -26.29 -9.14
C SER B 353 -16.18 -25.48 -7.87
C SER B 353 -16.27 -25.72 -7.76
N PHE B 354 -17.33 -25.08 -7.30
CA PHE B 354 -17.35 -24.66 -5.88
C PHE B 354 -16.96 -25.85 -5.01
N VAL B 355 -17.58 -27.00 -5.29
CA VAL B 355 -17.27 -28.25 -4.55
C VAL B 355 -15.82 -28.72 -4.75
N SER B 356 -15.32 -28.63 -5.97
CA SER B 356 -13.95 -29.03 -6.23
CA SER B 356 -13.92 -28.95 -6.31
C SER B 356 -12.95 -28.17 -5.44
N CYS B 357 -13.24 -26.88 -5.27
CA CYS B 357 -12.41 -26.01 -4.45
C CYS B 357 -12.43 -26.40 -2.97
N ILE B 358 -13.62 -26.78 -2.44
CA ILE B 358 -13.71 -27.28 -1.05
C ILE B 358 -12.84 -28.53 -0.96
N ASP B 359 -13.01 -29.47 -1.92
CA ASP B 359 -12.24 -30.71 -1.94
CA ASP B 359 -12.23 -30.71 -1.86
C ASP B 359 -10.70 -30.45 -1.93
N LYS B 360 -10.27 -29.47 -2.73
CA LYS B 360 -8.86 -29.18 -2.86
C LYS B 360 -8.29 -28.57 -1.59
N MET B 361 -9.01 -27.64 -0.98
CA MET B 361 -8.55 -27.04 0.26
C MET B 361 -8.48 -28.08 1.38
N ARG B 362 -9.36 -29.09 1.35
CA ARG B 362 -9.26 -30.23 2.30
C ARG B 362 -8.04 -31.09 2.00
N ASP B 363 -7.83 -31.39 0.73
CA ASP B 363 -6.64 -32.18 0.34
CA ASP B 363 -6.69 -32.17 0.27
C ASP B 363 -5.34 -31.56 0.79
N TYR B 364 -5.24 -30.24 0.66
CA TYR B 364 -4.07 -29.50 1.00
CA TYR B 364 -4.03 -29.48 1.05
C TYR B 364 -3.94 -29.25 2.54
N ARG B 365 -4.94 -29.70 3.32
CA ARG B 365 -4.99 -29.55 4.76
C ARG B 365 -5.12 -28.10 5.20
N PHE B 366 -5.76 -27.27 4.37
CA PHE B 366 -6.08 -25.91 4.79
C PHE B 366 -7.39 -25.86 5.58
N ILE B 367 -8.29 -26.79 5.31
CA ILE B 367 -9.64 -26.81 5.87
C ILE B 367 -9.86 -28.25 6.39
N PRO B 368 -10.65 -28.44 7.45
CA PRO B 368 -10.84 -29.85 7.90
C PRO B 368 -11.56 -30.74 6.93
N LYS B 369 -11.22 -32.03 6.97
CA LYS B 369 -11.92 -33.06 6.17
C LYS B 369 -13.35 -33.17 6.67
N ALA B 370 -14.21 -33.77 5.85
CA ALA B 370 -15.59 -34.02 6.27
C ALA B 370 -15.64 -34.99 7.44
N PHE B 371 -16.48 -34.68 8.43
CA PHE B 371 -16.73 -35.59 9.57
C PHE B 371 -18.14 -35.38 10.14
PA NAP C . 4.55 19.05 6.69
O1A NAP C . 5.01 20.45 6.42
O2A NAP C . 5.16 18.00 5.80
O5B NAP C . 3.00 18.94 6.60
C5B NAP C . 2.17 19.86 7.36
C4B NAP C . 0.76 19.31 7.35
O4B NAP C . -0.04 20.10 8.26
C3B NAP C . 0.07 19.40 5.99
O3B NAP C . -0.85 18.32 5.83
C2B NAP C . -0.70 20.70 6.15
O2B NAP C . -1.84 20.78 5.27
C1B NAP C . -1.18 20.56 7.57
N9A NAP C . -1.63 21.82 8.18
C8A NAP C . -0.90 22.96 8.42
N7A NAP C . -1.63 23.95 8.91
C5A NAP C . -2.91 23.41 8.99
C6A NAP C . -4.13 23.95 9.42
N6A NAP C . -4.26 25.20 9.89
N1A NAP C . -5.22 23.16 9.35
C2A NAP C . -5.08 21.91 8.90
N3A NAP C . -3.98 21.30 8.46
C4A NAP C . -2.92 22.11 8.54
O3 NAP C . 4.75 18.68 8.21
PN NAP C . 5.88 17.82 8.96
O1N NAP C . 5.48 16.40 8.98
O2N NAP C . 7.19 18.22 8.43
O5D NAP C . 5.69 18.49 10.41
C5D NAP C . 5.08 17.87 11.56
C4D NAP C . 6.08 17.97 12.69
O4D NAP C . 7.23 17.15 12.35
C3D NAP C . 6.63 19.37 12.97
O3D NAP C . 6.69 19.59 14.38
C2D NAP C . 8.03 19.33 12.33
O2D NAP C . 8.94 20.25 12.92
C1D NAP C . 8.39 17.89 12.65
N1N NAP C . 9.55 17.31 11.89
C2N NAP C . 9.62 17.43 10.55
C3N NAP C . 10.73 16.98 9.87
C7N NAP C . 10.88 17.05 8.38
O7N NAP C . 11.97 16.78 7.86
N7N NAP C . 9.84 17.46 7.66
C4N NAP C . 11.76 16.39 10.59
C5N NAP C . 11.64 16.22 11.95
C6N NAP C . 10.53 16.70 12.59
P2B NAP C . -2.07 22.05 4.32
O1X NAP C . -0.94 22.48 3.59
O2X NAP C . -2.31 23.13 5.40
O3X NAP C . -3.40 21.87 3.67
C1 EDO D . 10.24 15.06 28.03
O1 EDO D . 11.52 14.85 27.44
C2 EDO D . 9.98 16.56 28.31
O2 EDO D . 10.08 17.38 27.15
CAB TEG E . 13.05 18.79 13.86
CAC TEG E . 12.93 19.64 12.63
CAF TEG E . 15.17 19.66 11.95
CAG TEG E . 16.12 19.38 10.87
CAI TEG E . 18.14 20.63 11.09
CAJ TEG E . 18.80 20.41 9.77
OAA TEG E . 12.64 19.15 14.91
OAD TEG E . 13.77 17.73 13.75
OAE TEG E . 13.86 19.25 11.63
OAH TEG E . 17.42 19.44 11.42
OAK TEG E . 17.85 20.33 8.71
C1 EDO F . 20.42 26.33 -11.19
O1 EDO F . 19.72 27.54 -11.40
C2 EDO F . 21.83 26.64 -10.67
O2 EDO F . 21.84 27.64 -9.66
PA NAP G . -4.53 -12.43 -4.07
O1A NAP G . -5.01 -11.57 -2.95
O2A NAP G . -5.11 -13.84 -4.11
O5B NAP G . -2.96 -12.60 -4.10
C5B NAP G . -2.13 -11.41 -4.02
C4B NAP G . -0.74 -11.83 -4.41
O4B NAP G . 0.09 -10.65 -4.58
C3B NAP G . -0.03 -12.70 -3.35
O3B NAP G . 0.86 -13.62 -3.96
C2B NAP G . 0.75 -11.63 -2.60
O2B NAP G . 1.87 -12.20 -1.90
C1B NAP G . 1.23 -10.78 -3.76
N9A NAP G . 1.66 -9.45 -3.35
C8A NAP G . 0.94 -8.45 -2.76
N7A NAP G . 1.66 -7.39 -2.45
C5A NAP G . 2.94 -7.72 -2.88
C6A NAP G . 4.18 -7.03 -2.83
N6A NAP G . 4.32 -5.80 -2.34
N1A NAP G . 5.26 -7.66 -3.33
C2A NAP G . 5.12 -8.89 -3.85
N3A NAP G . 4.02 -9.62 -3.94
C4A NAP G . 2.96 -8.98 -3.45
O3 NAP G . -4.75 -11.67 -5.44
PN NAP G . -5.88 -11.78 -6.57
O1N NAP G . -5.52 -12.80 -7.56
O2N NAP G . -7.19 -11.81 -5.88
O5D NAP G . -5.73 -10.31 -7.15
C5D NAP G . -5.10 -10.01 -8.39
C4D NAP G . -6.07 -9.17 -9.20
O4D NAP G . -7.22 -9.99 -9.53
C3D NAP G . -6.61 -7.93 -8.46
O3D NAP G . -6.69 -6.83 -9.35
C2D NAP G . -8.01 -8.38 -8.04
O2D NAP G . -8.92 -7.31 -7.87
C1D NAP G . -8.36 -9.23 -9.25
N1N NAP G . -9.53 -10.17 -9.08
C2N NAP G . -9.60 -10.97 -8.01
C3N NAP G . -10.72 -11.76 -7.80
C7N NAP G . -10.85 -12.69 -6.66
O7N NAP G . -11.95 -13.25 -6.45
N7N NAP G . -9.81 -12.87 -5.86
C4N NAP G . -11.74 -11.72 -8.74
C5N NAP G . -11.63 -10.91 -9.86
C6N NAP G . -10.50 -10.13 -10.02
P2B NAP G . 2.10 -11.86 -0.35
O1X NAP G . 0.92 -11.98 0.51
O2X NAP G . 2.35 -10.26 -0.41
O3X NAP G . 3.36 -12.51 0.03
C1 EDO H . -9.96 0.47 -21.74
O1 EDO H . -9.90 0.26 -20.35
C2 EDO H . -10.20 -0.82 -22.54
O2 EDO H . -11.43 -1.44 -22.14
CAB TEG I . -13.00 -7.67 -9.50
CAC TEG I . -12.90 -7.83 -8.02
CAF TEG I . -15.14 -8.37 -7.44
CAG TEG I . -16.08 -9.47 -7.11
CAI TEG I . -17.98 -8.24 -6.31
CAJ TEG I . -18.61 -9.14 -5.31
OAA TEG I . -13.76 -8.52 -10.09
OAD TEG I . -12.54 -6.74 -10.07
OAE TEG I . -13.79 -8.85 -7.56
OAH TEG I . -17.41 -9.02 -7.35
OAK TEG I . -17.64 -9.73 -4.46
C1 EDO J . -21.84 -18.62 13.91
O1 EDO J . -21.77 -17.20 13.82
C2 EDO J . -20.45 -19.19 14.29
O2 EDO J . -19.78 -18.33 15.20
#